data_5J5Y
#
_entry.id   5J5Y
#
_cell.length_a   38.040
_cell.length_b   38.060
_cell.length_c   146.740
_cell.angle_alpha   88.36
_cell.angle_beta   95.63
_cell.angle_gamma   103.54
#
_symmetry.space_group_name_H-M   'P 1'
#
loop_
_entity.id
_entity.type
_entity.pdbx_description
1 polymer 'Eukaryotic translation initiation factor 4E'
2 non-polymer 2-amino-9-{5-O-[(R)-{[(S)-{dichloro[(R)-hydroxy(phosphonooxy)phosphoryl]methyl}(hydroxy)phosphoryl]oxy}(hydroxy)phosphoryl]-2-O-methyl-beta-D-ribofuranosyl}-7-methyl-9H-purin-7-ium-6-olate
3 non-polymer GLYCEROL
4 water water
#
_entity_poly.entity_id   1
_entity_poly.type   'polypeptide(L)'
_entity_poly.pdbx_seq_one_letter_code
;VANPEHYIKHPLQNRWALWFFKNDKSKTWQANLRLISKFDTVEDFWALYNHIQLSSNLMPGCDYSLFKDGIEPMWEDEKN
KRGGRWLITLNKQQRRSDLDRFWLETLLCLIGESFDDYSDDVCGAVVNVRAKGDKIAIWTTECENRDAVTHIGRVYKERL
GLPPKIVIGYQSHADTATKSGSTTKNRFVV
;
_entity_poly.pdbx_strand_id   A,B,C,D
#
# COMPACT_ATOMS: atom_id res chain seq x y z
N PRO A 4 25.91 23.24 34.00
CA PRO A 4 25.75 21.83 33.63
C PRO A 4 25.77 21.68 32.12
N GLU A 5 24.89 22.44 31.46
CA GLU A 5 24.75 22.33 30.02
C GLU A 5 26.06 22.64 29.30
N HIS A 6 26.93 23.44 29.93
CA HIS A 6 28.14 23.89 29.25
C HIS A 6 29.15 22.77 29.01
N TYR A 7 29.08 21.67 29.75
CA TYR A 7 30.12 20.65 29.68
C TYR A 7 29.60 19.23 29.69
N ILE A 8 28.30 19.01 29.80
CA ILE A 8 27.73 17.69 29.90
C ILE A 8 27.44 17.17 28.50
N LYS A 9 27.88 15.94 28.21
CA LYS A 9 27.46 15.28 26.98
C LYS A 9 25.97 15.04 27.01
N HIS A 10 25.34 15.00 25.84
CA HIS A 10 23.88 14.88 25.78
C HIS A 10 23.46 13.42 25.81
N PRO A 11 22.84 12.93 26.90
CA PRO A 11 22.50 11.50 26.99
C PRO A 11 21.43 11.12 25.99
N LEU A 12 21.61 9.96 25.35
CA LEU A 12 20.54 9.39 24.55
C LEU A 12 19.58 8.62 25.46
N GLN A 13 18.37 8.39 24.95
N GLN A 13 18.37 8.38 24.95
CA GLN A 13 17.39 7.63 25.72
CA GLN A 13 17.39 7.63 25.72
C GLN A 13 17.87 6.20 25.94
C GLN A 13 17.84 6.19 25.94
N ASN A 14 18.48 5.58 24.93
CA ASN A 14 19.03 4.24 25.03
C ASN A 14 20.52 4.23 24.76
N ARG A 15 21.22 3.23 25.32
CA ARG A 15 22.56 2.89 24.85
C ARG A 15 22.42 1.97 23.63
N TRP A 16 23.24 2.25 22.62
CA TRP A 16 23.16 1.55 21.34
C TRP A 16 24.50 0.88 21.05
N ALA A 17 24.42 -0.27 20.36
CA ALA A 17 25.59 -1.05 19.94
C ALA A 17 25.60 -1.07 18.42
N LEU A 18 26.74 -0.74 17.82
CA LEU A 18 26.92 -0.83 16.37
C LEU A 18 27.69 -2.11 16.05
N TRP A 19 27.17 -2.86 15.08
CA TRP A 19 27.71 -4.15 14.68
C TRP A 19 28.14 -4.13 13.23
N PHE A 20 29.09 -5.00 12.92
CA PHE A 20 29.59 -5.13 11.55
C PHE A 20 29.60 -6.59 11.15
N PHE A 21 29.17 -6.84 9.92
CA PHE A 21 29.15 -8.18 9.36
C PHE A 21 29.94 -8.18 8.06
N LYS A 22 30.86 -9.14 7.92
CA LYS A 22 31.60 -9.32 6.68
C LYS A 22 31.38 -10.73 6.16
N ASN A 23 30.99 -10.83 4.89
CA ASN A 23 30.78 -12.12 4.23
C ASN A 23 32.11 -12.84 4.06
N ASP A 24 32.31 -13.93 4.80
CA ASP A 24 33.48 -14.78 4.63
C ASP A 24 32.95 -16.21 4.62
N LYS A 25 33.07 -16.89 3.47
CA LYS A 25 32.50 -18.22 3.36
C LYS A 25 33.24 -19.24 4.21
N SER A 26 34.40 -18.88 4.77
CA SER A 26 35.09 -19.80 5.66
C SER A 26 34.35 -19.96 6.98
N LYS A 27 33.44 -19.06 7.30
CA LYS A 27 32.87 -19.02 8.64
C LYS A 27 31.35 -19.04 8.61
N THR A 28 30.78 -19.44 9.74
CA THR A 28 29.34 -19.39 9.88
C THR A 28 28.87 -17.94 9.94
N TRP A 29 27.59 -17.74 9.63
CA TRP A 29 27.02 -16.39 9.63
C TRP A 29 27.23 -15.70 10.97
N GLN A 30 26.98 -16.43 12.07
CA GLN A 30 27.11 -15.83 13.39
C GLN A 30 28.54 -15.42 13.68
N ALA A 31 29.51 -16.18 13.19
CA ALA A 31 30.92 -15.88 13.41
C ALA A 31 31.36 -14.63 12.62
N ASN A 32 30.60 -14.23 11.61
CA ASN A 32 30.95 -13.09 10.78
C ASN A 32 30.37 -11.79 11.31
N LEU A 33 29.63 -11.90 12.41
CA LEU A 33 28.99 -10.77 13.08
C LEU A 33 29.89 -10.37 14.23
N ARG A 34 30.26 -9.09 14.29
CA ARG A 34 31.11 -8.62 15.38
C ARG A 34 30.63 -7.28 15.92
N LEU A 35 30.66 -7.14 17.22
CA LEU A 35 30.35 -5.84 17.84
C LEU A 35 31.51 -4.89 17.62
N ILE A 36 31.23 -3.73 17.02
CA ILE A 36 32.23 -2.68 16.91
C ILE A 36 32.35 -1.88 18.20
N SER A 37 31.27 -1.20 18.60
CA SER A 37 31.34 -0.47 19.87
C SER A 37 29.94 -0.03 20.27
N LYS A 38 29.85 0.51 21.47
CA LYS A 38 28.61 1.08 21.95
C LYS A 38 28.79 2.54 22.32
N PHE A 39 27.68 3.27 22.26
CA PHE A 39 27.63 4.67 22.64
C PHE A 39 26.29 4.94 23.31
N ASP A 40 26.24 6.01 24.11
CA ASP A 40 24.96 6.41 24.68
C ASP A 40 24.84 7.92 24.80
N THR A 41 25.61 8.68 24.05
CA THR A 41 25.43 10.12 23.99
C THR A 41 25.42 10.57 22.53
N VAL A 42 24.85 11.76 22.29
CA VAL A 42 24.89 12.35 20.96
C VAL A 42 26.34 12.47 20.48
N GLU A 43 27.21 13.00 21.35
CA GLU A 43 28.58 13.28 20.95
C GLU A 43 29.35 12.00 20.60
N ASP A 44 29.08 10.91 21.31
CA ASP A 44 29.79 9.67 21.04
C ASP A 44 29.23 8.98 19.79
N PHE A 45 27.94 9.21 19.49
CA PHE A 45 27.37 8.72 18.23
C PHE A 45 28.08 9.35 17.03
N TRP A 46 28.19 10.67 17.01
CA TRP A 46 28.82 11.29 15.85
C TRP A 46 30.31 10.98 15.81
N ALA A 47 30.94 10.85 16.98
CA ALA A 47 32.33 10.39 17.03
C ALA A 47 32.50 9.08 16.29
N LEU A 48 31.65 8.10 16.58
CA LEU A 48 31.70 6.82 15.86
C LEU A 48 31.30 6.97 14.39
N TYR A 49 30.15 7.59 14.11
CA TYR A 49 29.70 7.71 12.72
C TYR A 49 30.78 8.36 11.87
N ASN A 50 31.39 9.46 12.34
CA ASN A 50 32.38 10.16 11.53
C ASN A 50 33.67 9.36 11.35
N HIS A 51 33.84 8.28 12.11
CA HIS A 51 35.03 7.44 12.15
C HIS A 51 34.99 6.30 11.13
N ILE A 52 33.80 5.85 10.75
CA ILE A 52 33.64 4.61 9.99
C ILE A 52 33.26 4.90 8.55
N GLN A 53 33.43 3.88 7.71
CA GLN A 53 33.09 3.99 6.29
C GLN A 53 31.61 4.27 6.09
N LEU A 54 31.29 5.11 5.11
CA LEU A 54 29.92 5.15 4.60
C LEU A 54 29.51 3.79 4.07
N SER A 55 28.22 3.46 4.26
CA SER A 55 27.72 2.18 3.78
C SER A 55 27.94 2.00 2.28
N SER A 56 27.88 3.08 1.50
CA SER A 56 28.07 2.94 0.06
C SER A 56 29.51 2.61 -0.32
N ASN A 57 30.43 2.65 0.65
CA ASN A 57 31.85 2.37 0.46
C ASN A 57 32.24 1.00 0.96
N LEU A 58 31.32 0.27 1.59
CA LEU A 58 31.62 -1.07 2.04
C LEU A 58 31.69 -2.02 0.86
N MET A 59 32.53 -3.03 1.00
CA MET A 59 32.54 -4.14 0.05
C MET A 59 31.17 -4.80 -0.01
N PRO A 60 30.70 -5.20 -1.19
CA PRO A 60 29.47 -5.98 -1.28
C PRO A 60 29.54 -7.20 -0.37
N GLY A 61 28.44 -7.45 0.34
CA GLY A 61 28.37 -8.53 1.29
C GLY A 61 28.46 -8.12 2.74
N CYS A 62 28.73 -6.85 3.03
CA CYS A 62 28.87 -6.43 4.42
C CYS A 62 27.54 -5.85 4.92
N ASP A 63 27.38 -5.84 6.26
CA ASP A 63 26.27 -5.17 6.92
C ASP A 63 26.80 -4.26 8.03
N TYR A 64 26.04 -3.21 8.30
CA TYR A 64 26.04 -2.56 9.60
C TYR A 64 24.71 -2.84 10.28
N SER A 65 24.72 -2.85 11.63
CA SER A 65 23.53 -3.06 12.44
C SER A 65 23.62 -2.16 13.64
N LEU A 66 22.56 -1.44 13.97
CA LEU A 66 22.53 -0.64 15.17
C LEU A 66 21.34 -1.11 16.01
N PHE A 67 21.63 -1.71 17.17
CA PHE A 67 20.59 -2.28 18.02
C PHE A 67 20.73 -1.75 19.44
N LYS A 68 19.60 -1.67 20.13
CA LYS A 68 19.63 -1.36 21.55
C LYS A 68 20.59 -2.29 22.27
N ASP A 69 21.39 -1.73 23.16
CA ASP A 69 22.31 -2.51 23.99
C ASP A 69 21.57 -3.69 24.61
N GLY A 70 22.12 -4.90 24.41
CA GLY A 70 21.49 -6.09 24.94
C GLY A 70 20.62 -6.85 23.96
N ILE A 71 20.40 -6.33 22.76
CA ILE A 71 19.71 -7.07 21.71
C ILE A 71 20.70 -7.41 20.62
N GLU A 72 20.98 -8.68 20.44
CA GLU A 72 21.84 -8.99 19.31
C GLU A 72 21.06 -8.87 18.01
N PRO A 73 21.80 -8.44 16.82
CA PRO A 73 21.10 -8.19 15.55
C PRO A 73 20.81 -9.50 14.80
N MET A 74 20.13 -10.42 15.48
CA MET A 74 19.81 -11.72 14.91
C MET A 74 18.41 -12.13 15.33
N TRP A 75 17.77 -12.93 14.47
CA TRP A 75 16.40 -13.37 14.73
C TRP A 75 16.30 -14.13 16.04
N GLU A 76 17.36 -14.84 16.44
CA GLU A 76 17.31 -15.76 17.57
C GLU A 76 17.22 -15.03 18.90
N ASP A 77 17.40 -13.71 18.91
CA ASP A 77 17.35 -12.98 20.16
C ASP A 77 15.91 -12.98 20.68
N GLU A 78 15.77 -13.09 22.00
CA GLU A 78 14.44 -13.06 22.59
C GLU A 78 13.61 -11.88 22.07
N LYS A 79 14.24 -10.73 21.87
CA LYS A 79 13.47 -9.56 21.49
C LYS A 79 13.29 -9.41 19.98
N ASN A 80 13.92 -10.29 19.17
CA ASN A 80 13.61 -10.38 17.75
C ASN A 80 12.82 -11.61 17.32
N LYS A 81 12.85 -12.70 18.08
CA LYS A 81 12.29 -13.98 17.61
C LYS A 81 10.82 -13.87 17.21
N ARG A 82 10.04 -13.05 17.91
CA ARG A 82 8.62 -12.89 17.60
C ARG A 82 8.34 -11.64 16.78
N GLY A 83 9.37 -10.99 16.25
CA GLY A 83 9.19 -9.76 15.51
C GLY A 83 9.43 -9.86 14.02
N GLY A 84 9.98 -8.79 13.45
CA GLY A 84 10.09 -8.67 12.01
C GLY A 84 10.67 -7.31 11.67
N ARG A 85 10.54 -6.95 10.39
CA ARG A 85 11.27 -5.79 9.90
C ARG A 85 10.50 -5.02 8.84
N TRP A 86 10.62 -3.71 8.91
CA TRP A 86 10.21 -2.87 7.78
C TRP A 86 11.37 -2.77 6.80
N LEU A 87 11.15 -3.21 5.57
CA LEU A 87 12.22 -3.40 4.59
C LEU A 87 12.16 -2.33 3.51
N ILE A 88 13.29 -1.64 3.31
CA ILE A 88 13.48 -0.74 2.18
C ILE A 88 14.36 -1.49 1.18
N THR A 89 13.87 -1.66 -0.02
CA THR A 89 14.63 -2.34 -1.07
C THR A 89 15.19 -1.30 -2.03
N LEU A 90 16.50 -1.17 -2.04
CA LEU A 90 17.19 -0.24 -2.92
C LEU A 90 17.59 -0.95 -4.21
N ASN A 91 17.51 -0.24 -5.33
CA ASN A 91 18.07 -0.71 -6.59
C ASN A 91 19.53 -0.28 -6.70
N LYS A 92 20.21 -0.81 -7.71
CA LYS A 92 21.64 -0.57 -7.82
C LYS A 92 21.95 0.92 -7.92
N GLN A 93 21.11 1.67 -8.62
CA GLN A 93 21.42 3.09 -8.79
C GLN A 93 21.27 3.84 -7.47
N GLN A 94 20.38 3.39 -6.59
CA GLN A 94 20.19 4.05 -5.31
C GLN A 94 21.34 3.86 -4.31
N ARG A 95 22.26 2.92 -4.53
CA ARG A 95 23.50 2.95 -3.74
C ARG A 95 24.14 4.34 -3.79
N ARG A 96 24.15 4.96 -4.97
CA ARG A 96 24.79 6.26 -5.05
C ARG A 96 23.90 7.38 -4.52
N SER A 97 22.59 7.30 -4.75
CA SER A 97 21.71 8.44 -4.52
C SER A 97 21.04 8.44 -3.16
N ASP A 98 20.81 7.27 -2.56
CA ASP A 98 19.90 7.23 -1.42
C ASP A 98 20.48 6.48 -0.25
N LEU A 99 21.37 5.51 -0.51
CA LEU A 99 21.74 4.55 0.55
C LEU A 99 22.29 5.26 1.79
N ASP A 100 23.31 6.10 1.62
CA ASP A 100 23.93 6.73 2.78
C ASP A 100 22.93 7.63 3.50
N ARG A 101 22.13 8.39 2.77
CA ARG A 101 21.25 9.33 3.46
CA ARG A 101 21.22 9.33 3.43
C ARG A 101 20.09 8.62 4.15
N PHE A 102 19.52 7.59 3.50
CA PHE A 102 18.52 6.74 4.12
C PHE A 102 19.10 6.11 5.38
N TRP A 103 20.29 5.48 5.28
CA TRP A 103 20.88 4.86 6.46
C TRP A 103 21.11 5.88 7.56
N LEU A 104 21.61 7.08 7.24
CA LEU A 104 21.78 8.05 8.31
C LEU A 104 20.43 8.42 8.93
N GLU A 105 19.43 8.69 8.09
CA GLU A 105 18.11 9.03 8.61
C GLU A 105 17.59 7.92 9.53
N THR A 106 17.80 6.67 9.15
CA THR A 106 17.37 5.55 9.98
C THR A 106 18.07 5.57 11.34
N LEU A 107 19.39 5.80 11.35
CA LEU A 107 20.15 5.89 12.58
C LEU A 107 19.55 6.96 13.48
N LEU A 108 19.28 8.12 12.92
CA LEU A 108 18.70 9.19 13.73
C LEU A 108 17.28 8.84 14.16
N CYS A 109 16.52 8.13 13.32
CA CYS A 109 15.22 7.63 13.74
C CYS A 109 15.35 6.74 14.98
N LEU A 110 16.42 5.96 15.07
CA LEU A 110 16.53 5.11 16.25
C LEU A 110 17.00 5.89 17.47
N ILE A 111 18.08 6.64 17.34
CA ILE A 111 18.65 7.22 18.56
C ILE A 111 17.78 8.35 19.06
N GLY A 112 17.12 9.08 18.15
CA GLY A 112 16.21 10.16 18.50
C GLY A 112 14.86 9.72 18.99
N GLU A 113 14.62 8.41 18.95
CA GLU A 113 13.39 7.78 19.45
C GLU A 113 12.17 8.37 18.74
N SER A 114 12.20 8.31 17.42
CA SER A 114 11.28 9.06 16.58
C SER A 114 9.89 8.46 16.47
N PHE A 115 9.65 7.29 17.06
CA PHE A 115 8.37 6.62 16.89
C PHE A 115 7.44 6.79 18.08
N ASP A 116 7.50 7.94 18.74
CA ASP A 116 6.49 8.30 19.75
C ASP A 116 6.52 7.25 20.85
N ASP A 117 5.39 6.86 21.43
CA ASP A 117 5.40 5.81 22.44
C ASP A 117 5.28 4.42 21.84
N TYR A 118 5.85 4.23 20.66
CA TYR A 118 6.08 2.91 20.11
C TYR A 118 7.55 2.63 19.90
N SER A 119 8.42 3.62 20.13
CA SER A 119 9.86 3.42 19.97
C SER A 119 10.40 2.34 20.91
N ASP A 120 9.63 1.94 21.94
CA ASP A 120 10.00 0.75 22.70
C ASP A 120 9.87 -0.53 21.89
N ASP A 121 9.00 -0.55 20.87
CA ASP A 121 8.87 -1.70 20.00
C ASP A 121 10.06 -1.86 19.07
N VAL A 122 10.88 -0.83 18.90
CA VAL A 122 12.04 -0.90 18.02
C VAL A 122 13.17 -1.65 18.71
N CYS A 123 13.78 -2.58 17.99
CA CYS A 123 14.99 -3.27 18.40
C CYS A 123 16.25 -2.69 17.79
N GLY A 124 16.22 -2.37 16.50
CA GLY A 124 17.41 -1.89 15.83
C GLY A 124 17.17 -1.76 14.33
N ALA A 125 18.26 -1.47 13.62
CA ALA A 125 18.18 -1.39 12.16
C ALA A 125 19.39 -2.06 11.53
N VAL A 126 19.23 -2.52 10.28
CA VAL A 126 20.27 -3.22 9.53
C VAL A 126 20.34 -2.63 8.14
N VAL A 127 21.56 -2.36 7.67
CA VAL A 127 21.79 -2.06 6.27
C VAL A 127 22.63 -3.19 5.66
N ASN A 128 22.14 -3.75 4.56
CA ASN A 128 22.83 -4.79 3.81
C ASN A 128 23.36 -4.17 2.53
N VAL A 129 24.68 -4.18 2.36
CA VAL A 129 25.29 -3.79 1.09
C VAL A 129 25.41 -5.05 0.25
N ARG A 130 24.70 -5.07 -0.89
CA ARG A 130 24.61 -6.24 -1.77
C ARG A 130 24.74 -5.84 -3.23
N ALA A 131 25.49 -6.67 -3.96
CA ALA A 131 25.64 -6.47 -5.41
C ALA A 131 24.29 -6.46 -6.10
N LYS A 132 23.36 -7.28 -5.63
CA LYS A 132 22.07 -7.42 -6.30
C LYS A 132 21.08 -6.32 -5.92
N GLY A 133 21.35 -5.57 -4.85
CA GLY A 133 20.47 -4.49 -4.43
C GLY A 133 20.55 -4.32 -2.92
N ASP A 134 20.89 -3.11 -2.47
CA ASP A 134 21.06 -2.86 -1.06
C ASP A 134 19.71 -2.91 -0.36
N LYS A 135 19.74 -3.20 0.96
CA LYS A 135 18.55 -3.21 1.79
C LYS A 135 18.82 -2.44 3.08
N ILE A 136 17.82 -1.68 3.53
CA ILE A 136 17.80 -1.15 4.88
C ILE A 136 16.53 -1.63 5.54
N ALA A 137 16.61 -1.98 6.82
CA ALA A 137 15.46 -2.49 7.55
C ALA A 137 15.46 -1.95 8.98
N ILE A 138 14.28 -1.63 9.49
CA ILE A 138 14.07 -1.43 10.93
C ILE A 138 13.42 -2.69 11.50
N TRP A 139 13.95 -3.17 12.61
CA TRP A 139 13.47 -4.38 13.25
C TRP A 139 12.65 -4.03 14.49
N THR A 140 11.49 -4.68 14.63
CA THR A 140 10.61 -4.48 15.76
C THR A 140 10.38 -5.81 16.48
N THR A 141 9.81 -5.74 17.68
CA THR A 141 9.92 -6.89 18.58
C THR A 141 8.74 -7.85 18.49
N GLU A 142 7.58 -7.40 18.03
CA GLU A 142 6.39 -8.26 17.96
C GLU A 142 5.72 -8.06 16.61
N CYS A 143 5.75 -9.08 15.77
CA CYS A 143 5.11 -9.01 14.47
C CYS A 143 3.59 -9.00 14.54
N GLU A 144 3.00 -8.98 15.75
CA GLU A 144 1.57 -8.97 15.94
C GLU A 144 1.02 -7.67 16.52
N ASN A 145 1.89 -6.78 17.03
CA ASN A 145 1.46 -5.45 17.47
C ASN A 145 1.16 -4.62 16.22
N ARG A 146 -0.03 -4.86 15.67
CA ARG A 146 -0.44 -4.18 14.43
C ARG A 146 -0.30 -2.67 14.56
N ASP A 147 -0.75 -2.12 15.69
CA ASP A 147 -0.73 -0.67 15.86
C ASP A 147 0.70 -0.14 15.94
N ALA A 148 1.55 -0.79 16.73
CA ALA A 148 2.94 -0.36 16.81
C ALA A 148 3.65 -0.48 15.46
N VAL A 149 3.41 -1.58 14.75
CA VAL A 149 4.16 -1.83 13.52
C VAL A 149 3.75 -0.82 12.45
N THR A 150 2.44 -0.65 12.26
CA THR A 150 1.95 0.25 11.22
CA THR A 150 1.96 0.25 11.23
C THR A 150 2.41 1.69 11.50
N HIS A 151 2.36 2.12 12.76
CA HIS A 151 2.81 3.47 13.09
C HIS A 151 4.30 3.65 12.76
N ILE A 152 5.13 2.72 13.21
CA ILE A 152 6.56 2.76 12.88
C ILE A 152 6.76 2.81 11.37
N GLY A 153 5.97 2.04 10.63
CA GLY A 153 6.13 2.02 9.18
C GLY A 153 5.78 3.35 8.53
N ARG A 154 4.64 3.93 8.90
CA ARG A 154 4.22 5.20 8.32
C ARG A 154 5.19 6.33 8.69
N VAL A 155 5.66 6.33 9.94
CA VAL A 155 6.60 7.37 10.35
C VAL A 155 7.92 7.19 9.63
N TYR A 156 8.37 5.95 9.49
CA TYR A 156 9.62 5.66 8.80
C TYR A 156 9.55 6.06 7.33
N LYS A 157 8.44 5.72 6.68
CA LYS A 157 8.32 6.03 5.25
C LYS A 157 8.39 7.54 5.02
N GLU A 158 7.79 8.31 5.92
CA GLU A 158 7.76 9.77 5.77
C GLU A 158 9.07 10.42 6.17
N ARG A 159 9.76 9.86 7.18
CA ARG A 159 11.07 10.38 7.54
C ARG A 159 12.10 10.07 6.44
N LEU A 160 11.91 8.98 5.73
CA LEU A 160 12.74 8.73 4.55
C LEU A 160 12.36 9.62 3.37
N GLY A 161 11.20 10.25 3.40
CA GLY A 161 10.77 11.07 2.27
C GLY A 161 10.19 10.29 1.11
N LEU A 162 9.85 9.02 1.30
CA LEU A 162 9.39 8.20 0.18
C LEU A 162 8.02 8.71 -0.28
N PRO A 163 7.79 8.77 -1.58
CA PRO A 163 6.51 9.25 -2.09
C PRO A 163 5.41 8.23 -1.89
N PRO A 164 4.15 8.64 -1.90
CA PRO A 164 3.06 7.66 -1.82
C PRO A 164 3.06 6.66 -2.96
N LYS A 165 3.73 6.96 -4.08
CA LYS A 165 3.80 5.98 -5.16
C LYS A 165 4.73 4.82 -4.84
N ILE A 166 5.39 4.83 -3.68
CA ILE A 166 6.20 3.72 -3.21
C ILE A 166 5.44 3.05 -2.08
N VAL A 167 5.48 1.72 -2.06
CA VAL A 167 4.88 0.93 -0.99
C VAL A 167 6.00 0.11 -0.37
N ILE A 168 6.08 0.11 0.97
CA ILE A 168 7.05 -0.72 1.66
C ILE A 168 6.30 -1.76 2.50
N GLY A 169 6.96 -2.89 2.73
CA GLY A 169 6.37 -4.01 3.44
C GLY A 169 7.04 -4.43 4.74
N TYR A 170 6.28 -5.08 5.61
CA TYR A 170 6.78 -5.58 6.89
C TYR A 170 6.76 -7.11 6.86
N GLN A 171 7.91 -7.72 7.10
CA GLN A 171 8.08 -9.18 7.02
C GLN A 171 8.47 -9.74 8.37
N SER A 172 7.79 -10.81 8.79
CA SER A 172 8.14 -11.47 10.05
C SER A 172 9.43 -12.27 9.92
N HIS A 173 10.28 -12.18 10.95
CA HIS A 173 11.51 -12.97 10.94
C HIS A 173 11.21 -14.46 10.80
N ALA A 174 10.10 -14.92 11.39
CA ALA A 174 9.75 -16.33 11.29
C ALA A 174 9.58 -16.77 9.84
N ASP A 175 9.01 -15.91 8.99
CA ASP A 175 8.88 -16.19 7.57
C ASP A 175 10.21 -16.03 6.84
N THR A 176 11.00 -15.02 7.22
CA THR A 176 12.31 -14.83 6.63
C THR A 176 13.22 -16.02 6.92
N ALA A 177 13.19 -16.51 8.15
CA ALA A 177 14.01 -17.63 8.61
C ALA A 177 13.54 -18.99 8.08
N THR A 178 12.75 -19.02 7.01
CA THR A 178 12.30 -20.30 6.46
C THR A 178 12.26 -20.28 4.94
N THR A 184 8.36 -14.89 0.60
CA THR A 184 8.58 -13.94 1.68
C THR A 184 7.45 -12.91 1.72
N LYS A 185 6.28 -13.34 2.22
CA LYS A 185 5.10 -12.49 2.18
C LYS A 185 5.22 -11.34 3.18
N ASN A 186 4.62 -10.21 2.82
CA ASN A 186 4.54 -9.06 3.70
C ASN A 186 3.32 -9.17 4.59
N ARG A 187 3.48 -8.90 5.87
CA ARG A 187 2.35 -8.93 6.80
C ARG A 187 1.66 -7.59 6.89
N PHE A 188 2.40 -6.50 6.65
CA PHE A 188 1.84 -5.18 6.58
C PHE A 188 2.47 -4.43 5.41
N VAL A 189 1.78 -3.38 4.98
CA VAL A 189 2.24 -2.49 3.92
C VAL A 189 1.81 -1.08 4.27
N VAL A 190 2.69 -0.11 4.05
CA VAL A 190 2.31 1.31 4.12
C VAL A 190 2.89 2.08 2.95
N PRO B 4 -44.84 7.40 18.56
CA PRO B 4 -43.80 8.20 17.90
C PRO B 4 -42.79 7.32 17.17
N GLU B 5 -42.02 6.54 17.93
CA GLU B 5 -41.04 5.64 17.33
C GLU B 5 -41.69 4.55 16.50
N HIS B 6 -42.95 4.22 16.81
CA HIS B 6 -43.57 3.05 16.19
C HIS B 6 -43.90 3.27 14.71
N TYR B 7 -44.04 4.51 14.25
CA TYR B 7 -44.58 4.76 12.93
C TYR B 7 -43.71 5.66 12.05
N ILE B 8 -42.65 6.26 12.56
CA ILE B 8 -41.82 7.15 11.74
C ILE B 8 -40.74 6.34 11.06
N LYS B 9 -40.57 6.57 9.76
CA LYS B 9 -39.36 6.05 9.12
C LYS B 9 -38.15 6.74 9.74
N HIS B 10 -36.97 6.14 9.56
CA HIS B 10 -35.77 6.66 10.23
CA HIS B 10 -35.79 6.68 10.22
C HIS B 10 -35.04 7.60 9.27
N PRO B 11 -34.92 8.89 9.59
CA PRO B 11 -34.30 9.82 8.65
C PRO B 11 -32.80 9.60 8.56
N LEU B 12 -32.28 9.59 7.32
CA LEU B 12 -30.83 9.58 7.15
C LEU B 12 -30.29 10.99 7.35
N GLN B 13 -28.99 11.08 7.64
CA GLN B 13 -28.41 12.42 7.80
C GLN B 13 -28.46 13.21 6.51
N ASN B 14 -28.21 12.55 5.37
CA ASN B 14 -28.33 13.17 4.06
C ASN B 14 -29.39 12.49 3.21
N ARG B 15 -29.95 13.25 2.29
CA ARG B 15 -30.72 12.70 1.16
C ARG B 15 -29.75 12.32 0.05
N TRP B 16 -29.95 11.13 -0.54
CA TRP B 16 -29.06 10.58 -1.55
C TRP B 16 -29.79 10.33 -2.87
N ALA B 17 -29.02 10.33 -3.96
CA ALA B 17 -29.54 10.08 -5.29
C ALA B 17 -28.76 8.92 -5.89
N LEU B 18 -29.47 7.94 -6.39
CA LEU B 18 -28.87 6.81 -7.10
C LEU B 18 -28.94 7.08 -8.60
N TRP B 19 -27.83 6.83 -9.28
CA TRP B 19 -27.66 7.15 -10.67
C TRP B 19 -27.30 5.88 -11.42
N PHE B 20 -27.71 5.80 -12.67
CA PHE B 20 -27.35 4.67 -13.51
C PHE B 20 -26.70 5.14 -14.79
N PHE B 21 -25.75 4.35 -15.28
CA PHE B 21 -25.02 4.68 -16.48
C PHE B 21 -24.98 3.45 -17.37
N LYS B 22 -25.34 3.59 -18.65
CA LYS B 22 -25.22 2.48 -19.58
C LYS B 22 -24.40 2.96 -20.76
N ASN B 23 -23.36 2.18 -21.11
CA ASN B 23 -22.47 2.56 -22.19
C ASN B 23 -23.21 2.32 -23.49
N ASP B 24 -23.67 3.41 -24.11
CA ASP B 24 -24.28 3.38 -25.42
C ASP B 24 -23.38 4.28 -26.27
N LYS B 25 -22.69 3.67 -27.22
CA LYS B 25 -21.83 4.43 -28.12
C LYS B 25 -22.61 5.43 -28.97
N SER B 26 -23.93 5.34 -29.02
CA SER B 26 -24.70 6.33 -29.76
C SER B 26 -24.68 7.68 -29.06
N LYS B 27 -24.38 7.71 -27.77
CA LYS B 27 -24.58 8.88 -26.92
C LYS B 27 -23.26 9.39 -26.34
N THR B 28 -23.22 10.68 -25.99
CA THR B 28 -22.10 11.17 -25.20
C THR B 28 -22.15 10.52 -23.80
N TRP B 29 -21.04 10.63 -23.07
CA TRP B 29 -20.99 10.02 -21.73
C TRP B 29 -22.02 10.66 -20.80
N GLN B 30 -22.16 11.99 -20.87
CA GLN B 30 -23.13 12.65 -19.99
C GLN B 30 -24.55 12.23 -20.35
N ALA B 31 -24.83 12.01 -21.63
CA ALA B 31 -26.18 11.64 -22.03
C ALA B 31 -26.53 10.22 -21.57
N ASN B 32 -25.53 9.40 -21.27
CA ASN B 32 -25.70 8.02 -20.83
C ASN B 32 -25.90 7.93 -19.32
N LEU B 33 -25.79 9.05 -18.60
CA LEU B 33 -25.94 9.05 -17.16
C LEU B 33 -27.37 9.48 -16.84
N ARG B 34 -28.04 8.70 -15.98
CA ARG B 34 -29.47 8.87 -15.73
C ARG B 34 -29.73 8.78 -14.25
N LEU B 35 -30.51 9.70 -13.71
CA LEU B 35 -30.89 9.58 -12.29
C LEU B 35 -32.02 8.56 -12.14
N ILE B 36 -31.89 7.67 -11.16
CA ILE B 36 -32.90 6.64 -10.91
C ILE B 36 -33.92 7.15 -9.91
N SER B 37 -33.45 7.49 -8.71
CA SER B 37 -34.37 7.98 -7.70
C SER B 37 -33.54 8.55 -6.55
N LYS B 38 -34.24 9.22 -5.64
CA LYS B 38 -33.64 9.73 -4.42
C LYS B 38 -34.36 9.13 -3.21
N PHE B 39 -33.67 9.15 -2.08
CA PHE B 39 -34.24 8.67 -0.82
C PHE B 39 -33.58 9.42 0.33
N ASP B 40 -34.26 9.45 1.47
CA ASP B 40 -33.63 10.05 2.64
C ASP B 40 -34.05 9.37 3.94
N THR B 41 -34.47 8.11 3.86
CA THR B 41 -34.80 7.31 5.03
C THR B 41 -34.15 5.95 4.88
N VAL B 42 -33.92 5.28 6.01
CA VAL B 42 -33.43 3.90 5.97
C VAL B 42 -34.39 3.01 5.20
N GLU B 43 -35.69 3.12 5.48
CA GLU B 43 -36.70 2.30 4.83
C GLU B 43 -36.70 2.51 3.31
N ASP B 44 -36.65 3.75 2.87
CA ASP B 44 -36.66 3.99 1.42
C ASP B 44 -35.36 3.53 0.77
N PHE B 45 -34.23 3.61 1.48
CA PHE B 45 -33.01 3.05 0.93
C PHE B 45 -33.21 1.57 0.62
N TRP B 46 -33.64 0.79 1.61
CA TRP B 46 -33.75 -0.66 1.37
C TRP B 46 -34.84 -0.98 0.35
N ALA B 47 -35.92 -0.18 0.28
CA ALA B 47 -36.91 -0.38 -0.78
C ALA B 47 -36.27 -0.24 -2.15
N LEU B 48 -35.41 0.76 -2.32
CA LEU B 48 -34.70 0.95 -3.58
C LEU B 48 -33.70 -0.19 -3.82
N TYR B 49 -32.80 -0.42 -2.86
CA TYR B 49 -31.79 -1.47 -3.03
C TYR B 49 -32.41 -2.81 -3.34
N ASN B 50 -33.60 -3.10 -2.81
CA ASN B 50 -34.17 -4.44 -2.98
C ASN B 50 -34.90 -4.63 -4.29
N HIS B 51 -35.16 -3.58 -5.07
CA HIS B 51 -35.84 -3.81 -6.33
C HIS B 51 -34.92 -3.65 -7.54
N ILE B 52 -33.66 -3.31 -7.35
CA ILE B 52 -32.76 -3.11 -8.47
C ILE B 52 -31.78 -4.27 -8.56
N GLN B 53 -31.18 -4.40 -9.73
CA GLN B 53 -30.21 -5.46 -9.97
C GLN B 53 -28.99 -5.33 -9.06
N LEU B 54 -28.45 -6.48 -8.64
CA LEU B 54 -27.11 -6.47 -8.08
C LEU B 54 -26.11 -6.04 -9.14
N SER B 55 -25.01 -5.43 -8.69
CA SER B 55 -24.01 -4.91 -9.61
C SER B 55 -23.40 -6.03 -10.42
N SER B 56 -23.26 -7.21 -9.81
CA SER B 56 -22.67 -8.34 -10.52
C SER B 56 -23.55 -8.84 -11.66
N ASN B 57 -24.78 -8.36 -11.78
CA ASN B 57 -25.74 -8.76 -12.81
C ASN B 57 -25.92 -7.72 -13.90
N LEU B 58 -25.33 -6.53 -13.76
CA LEU B 58 -25.41 -5.53 -14.81
C LEU B 58 -24.50 -5.91 -15.97
N MET B 59 -24.91 -5.47 -17.17
CA MET B 59 -24.08 -5.65 -18.35
C MET B 59 -22.74 -4.93 -18.17
N PRO B 60 -21.64 -5.51 -18.64
CA PRO B 60 -20.36 -4.80 -18.62
C PRO B 60 -20.49 -3.43 -19.27
N GLY B 61 -19.88 -2.43 -18.65
CA GLY B 61 -19.93 -1.06 -19.12
C GLY B 61 -20.93 -0.21 -18.38
N CYS B 62 -21.67 -0.78 -17.45
CA CYS B 62 -22.65 -0.02 -16.69
C CYS B 62 -22.07 0.40 -15.35
N ASP B 63 -22.63 1.49 -14.79
CA ASP B 63 -22.27 1.97 -13.45
C ASP B 63 -23.53 2.18 -12.62
N TYR B 64 -23.42 1.95 -11.32
CA TYR B 64 -24.25 2.69 -10.38
C TYR B 64 -23.42 3.78 -9.70
N SER B 65 -24.09 4.86 -9.27
CA SER B 65 -23.46 5.92 -8.50
C SER B 65 -24.44 6.38 -7.43
N LEU B 66 -23.97 6.49 -6.18
CA LEU B 66 -24.78 7.01 -5.08
C LEU B 66 -24.13 8.28 -4.56
N PHE B 67 -24.76 9.44 -4.81
CA PHE B 67 -24.18 10.73 -4.47
C PHE B 67 -25.15 11.51 -3.62
N LYS B 68 -24.58 12.34 -2.75
CA LYS B 68 -25.42 13.27 -1.99
C LYS B 68 -26.26 14.12 -2.92
N ASP B 69 -27.52 14.35 -2.53
CA ASP B 69 -28.44 15.10 -3.37
C ASP B 69 -27.88 16.48 -3.66
N GLY B 70 -27.87 16.83 -4.93
CA GLY B 70 -27.29 18.06 -5.39
C GLY B 70 -25.89 17.92 -5.94
N ILE B 71 -25.27 16.75 -5.82
CA ILE B 71 -23.94 16.55 -6.36
C ILE B 71 -24.09 15.57 -7.52
N GLU B 72 -23.79 16.02 -8.73
CA GLU B 72 -23.80 15.11 -9.86
C GLU B 72 -22.58 14.20 -9.77
N PRO B 73 -22.70 12.93 -10.27
CA PRO B 73 -21.60 11.95 -10.25
C PRO B 73 -20.58 12.13 -11.38
N MET B 74 -20.12 13.36 -11.57
CA MET B 74 -19.18 13.66 -12.64
C MET B 74 -18.12 14.62 -12.13
N TRP B 75 -16.96 14.58 -12.79
CA TRP B 75 -15.82 15.39 -12.34
C TRP B 75 -16.16 16.86 -12.26
N GLU B 76 -17.07 17.33 -13.10
CA GLU B 76 -17.20 18.76 -13.29
C GLU B 76 -18.00 19.44 -12.19
N ASP B 77 -18.75 18.68 -11.42
CA ASP B 77 -19.50 19.25 -10.30
C ASP B 77 -18.59 20.07 -9.40
N GLU B 78 -19.06 21.26 -9.03
CA GLU B 78 -18.31 22.12 -8.13
C GLU B 78 -17.74 21.37 -6.92
N LYS B 79 -18.44 20.32 -6.46
CA LYS B 79 -17.98 19.55 -5.30
C LYS B 79 -17.11 18.37 -5.65
N ASN B 80 -16.86 18.12 -6.95
CA ASN B 80 -15.96 17.05 -7.34
C ASN B 80 -14.70 17.54 -8.04
N LYS B 81 -14.70 18.74 -8.62
CA LYS B 81 -13.62 19.12 -9.51
C LYS B 81 -12.28 19.24 -8.79
N ARG B 82 -12.29 19.61 -7.52
CA ARG B 82 -11.06 19.69 -6.74
C ARG B 82 -10.78 18.43 -5.93
N GLY B 83 -11.59 17.38 -6.13
CA GLY B 83 -11.46 16.21 -5.28
C GLY B 83 -10.85 15.00 -5.96
N GLY B 84 -11.18 13.81 -5.45
CA GLY B 84 -10.59 12.59 -5.94
C GLY B 84 -11.36 11.40 -5.40
N ARG B 85 -10.72 10.23 -5.48
CA ARG B 85 -11.42 8.99 -5.18
C ARG B 85 -10.48 7.95 -4.58
N TRP B 86 -11.00 7.21 -3.61
CA TRP B 86 -10.35 5.99 -3.14
C TRP B 86 -10.82 4.84 -4.02
N LEU B 87 -9.90 4.16 -4.68
CA LEU B 87 -10.23 3.23 -5.74
C LEU B 87 -9.99 1.80 -5.27
N ILE B 88 -11.05 0.98 -5.30
CA ILE B 88 -10.95 -0.47 -5.16
C ILE B 88 -10.95 -1.10 -6.57
N THR B 89 -9.90 -1.83 -6.88
CA THR B 89 -9.75 -2.51 -8.17
CA THR B 89 -9.76 -2.50 -8.17
C THR B 89 -9.96 -3.99 -7.94
N LEU B 90 -10.93 -4.57 -8.63
CA LEU B 90 -11.31 -5.95 -8.43
C LEU B 90 -10.85 -6.75 -9.64
N ASN B 91 -10.23 -7.90 -9.40
CA ASN B 91 -9.93 -8.73 -10.55
C ASN B 91 -11.21 -9.38 -11.05
N LYS B 92 -11.10 -10.14 -12.13
CA LYS B 92 -12.30 -10.64 -12.76
C LYS B 92 -12.98 -11.69 -11.90
N GLN B 93 -12.22 -12.43 -11.10
CA GLN B 93 -12.79 -13.40 -10.18
C GLN B 93 -13.60 -12.74 -9.08
N GLN B 94 -13.27 -11.50 -8.72
CA GLN B 94 -13.93 -10.83 -7.59
C GLN B 94 -15.32 -10.30 -7.92
N ARG B 95 -15.71 -10.23 -9.21
CA ARG B 95 -17.11 -9.96 -9.52
C ARG B 95 -18.00 -10.97 -8.82
N ARG B 96 -17.56 -12.22 -8.72
CA ARG B 96 -18.34 -13.25 -8.02
C ARG B 96 -18.21 -13.13 -6.51
N SER B 97 -16.99 -12.97 -6.01
CA SER B 97 -16.74 -13.10 -4.58
C SER B 97 -16.99 -11.84 -3.78
N ASP B 98 -16.72 -10.67 -4.34
CA ASP B 98 -16.60 -9.46 -3.52
C ASP B 98 -17.45 -8.30 -4.02
N LEU B 99 -17.78 -8.27 -5.33
CA LEU B 99 -18.31 -7.03 -5.92
C LEU B 99 -19.56 -6.56 -5.17
N ASP B 100 -20.57 -7.43 -5.05
CA ASP B 100 -21.83 -7.02 -4.43
C ASP B 100 -21.66 -6.72 -2.95
N ARG B 101 -20.92 -7.56 -2.22
CA ARG B 101 -20.76 -7.30 -0.80
C ARG B 101 -19.97 -6.02 -0.58
N PHE B 102 -18.93 -5.79 -1.39
CA PHE B 102 -18.18 -4.55 -1.27
C PHE B 102 -19.04 -3.34 -1.57
N TRP B 103 -19.88 -3.43 -2.61
CA TRP B 103 -20.70 -2.29 -2.98
C TRP B 103 -21.71 -1.99 -1.88
N LEU B 104 -22.36 -3.01 -1.34
CA LEU B 104 -23.33 -2.75 -0.28
C LEU B 104 -22.65 -2.15 0.97
N GLU B 105 -21.48 -2.66 1.35
CA GLU B 105 -20.72 -2.02 2.42
C GLU B 105 -20.44 -0.55 2.10
N THR B 106 -20.11 -0.26 0.84
CA THR B 106 -19.84 1.11 0.44
C THR B 106 -21.09 1.98 0.58
N LEU B 107 -22.25 1.46 0.13
CA LEU B 107 -23.49 2.20 0.30
C LEU B 107 -23.76 2.55 1.77
N LEU B 108 -23.56 1.57 2.65
CA LEU B 108 -23.79 1.75 4.09
C LEU B 108 -22.77 2.71 4.70
N CYS B 109 -21.48 2.62 4.33
CA CYS B 109 -20.55 3.67 4.74
C CYS B 109 -21.04 5.07 4.35
N LEU B 110 -21.76 5.20 3.22
CA LEU B 110 -22.25 6.53 2.83
C LEU B 110 -23.47 6.91 3.65
N ILE B 111 -24.53 6.10 3.62
CA ILE B 111 -25.75 6.56 4.24
C ILE B 111 -25.64 6.57 5.75
N GLY B 112 -24.74 5.75 6.32
CA GLY B 112 -24.54 5.74 7.76
C GLY B 112 -23.52 6.72 8.29
N GLU B 113 -22.93 7.53 7.41
CA GLU B 113 -21.96 8.57 7.77
C GLU B 113 -20.80 8.00 8.59
N SER B 114 -20.15 6.98 8.03
CA SER B 114 -19.19 6.18 8.79
C SER B 114 -17.81 6.80 8.92
N PHE B 115 -17.57 7.97 8.31
CA PHE B 115 -16.25 8.59 8.40
C PHE B 115 -16.22 9.76 9.39
N ASP B 116 -17.04 9.69 10.44
CA ASP B 116 -16.99 10.59 11.59
C ASP B 116 -17.15 12.03 11.08
N ASP B 117 -16.36 12.97 11.58
CA ASP B 117 -16.52 14.36 11.19
C ASP B 117 -16.06 14.64 9.77
N TYR B 118 -15.35 13.71 9.15
CA TYR B 118 -14.95 13.81 7.76
C TYR B 118 -16.01 13.31 6.80
N SER B 119 -17.17 12.89 7.31
CA SER B 119 -18.24 12.43 6.41
C SER B 119 -18.78 13.56 5.55
N ASP B 120 -18.52 14.81 5.94
CA ASP B 120 -18.90 15.93 5.09
CA ASP B 120 -18.88 15.96 5.10
C ASP B 120 -18.03 16.02 3.84
N ASP B 121 -16.79 15.51 3.89
CA ASP B 121 -15.94 15.48 2.70
C ASP B 121 -16.39 14.48 1.65
N VAL B 122 -17.24 13.52 2.02
CA VAL B 122 -17.69 12.48 1.10
C VAL B 122 -18.73 13.05 0.13
N CYS B 123 -18.50 12.88 -1.18
CA CYS B 123 -19.51 13.22 -2.17
C CYS B 123 -20.38 12.08 -2.62
N GLY B 124 -19.82 10.86 -2.69
CA GLY B 124 -20.61 9.71 -3.06
C GLY B 124 -19.70 8.56 -3.46
N ALA B 125 -20.26 7.61 -4.21
CA ALA B 125 -19.54 6.41 -4.62
C ALA B 125 -19.99 5.96 -6.00
N VAL B 126 -19.13 5.16 -6.64
CA VAL B 126 -19.37 4.73 -8.02
C VAL B 126 -18.95 3.27 -8.09
N VAL B 127 -19.77 2.43 -8.71
CA VAL B 127 -19.31 1.10 -9.09
C VAL B 127 -19.32 1.01 -10.61
N ASN B 128 -18.19 0.60 -11.20
CA ASN B 128 -18.07 0.36 -12.64
C ASN B 128 -18.00 -1.15 -12.87
N VAL B 129 -18.99 -1.70 -13.58
CA VAL B 129 -18.96 -3.09 -14.00
C VAL B 129 -18.27 -3.09 -15.36
N ARG B 130 -17.11 -3.73 -15.42
CA ARG B 130 -16.24 -3.72 -16.59
C ARG B 130 -15.73 -5.13 -16.87
N ALA B 131 -15.68 -5.47 -18.15
CA ALA B 131 -15.12 -6.77 -18.58
C ALA B 131 -13.71 -6.97 -18.07
N LYS B 132 -12.90 -5.92 -18.04
CA LYS B 132 -11.49 -6.08 -17.70
C LYS B 132 -11.23 -6.04 -16.19
N GLY B 133 -12.27 -5.92 -15.38
CA GLY B 133 -12.06 -5.67 -13.96
C GLY B 133 -12.98 -4.62 -13.38
N ASP B 134 -13.81 -5.01 -12.42
CA ASP B 134 -14.73 -4.04 -11.82
C ASP B 134 -13.98 -3.07 -10.92
N LYS B 135 -14.60 -1.91 -10.68
CA LYS B 135 -14.02 -0.92 -9.80
C LYS B 135 -15.10 -0.36 -8.90
N ILE B 136 -14.76 -0.17 -7.62
CA ILE B 136 -15.58 0.58 -6.68
C ILE B 136 -14.75 1.72 -6.12
N ALA B 137 -15.35 2.89 -5.94
CA ALA B 137 -14.58 4.04 -5.52
C ALA B 137 -15.46 4.99 -4.71
N ILE B 138 -14.86 5.65 -3.73
CA ILE B 138 -15.56 6.67 -2.94
C ILE B 138 -14.96 8.02 -3.34
N TRP B 139 -15.83 8.93 -3.75
CA TRP B 139 -15.43 10.28 -4.16
C TRP B 139 -15.47 11.21 -2.95
N THR B 140 -14.39 11.98 -2.77
CA THR B 140 -14.34 13.03 -1.75
C THR B 140 -14.10 14.38 -2.42
N THR B 141 -14.33 15.47 -1.68
CA THR B 141 -14.49 16.78 -2.30
C THR B 141 -13.17 17.50 -2.58
N GLU B 142 -12.07 17.16 -1.89
CA GLU B 142 -10.88 18.00 -1.98
C GLU B 142 -9.64 17.16 -1.74
N CYS B 143 -8.83 16.97 -2.80
CA CYS B 143 -7.70 16.05 -2.72
C CYS B 143 -6.57 16.57 -1.84
N GLU B 144 -6.56 17.86 -1.51
CA GLU B 144 -5.56 18.41 -0.62
C GLU B 144 -5.93 18.33 0.86
N ASN B 145 -7.17 17.93 1.18
CA ASN B 145 -7.58 17.73 2.58
C ASN B 145 -6.92 16.43 3.05
N ARG B 146 -5.63 16.57 3.40
CA ARG B 146 -4.80 15.41 3.72
C ARG B 146 -5.42 14.55 4.80
N ASP B 147 -5.84 15.15 5.92
CA ASP B 147 -6.31 14.33 7.02
C ASP B 147 -7.66 13.71 6.72
N ALA B 148 -8.56 14.48 6.09
CA ALA B 148 -9.87 13.93 5.75
C ALA B 148 -9.74 12.75 4.80
N VAL B 149 -8.92 12.90 3.75
CA VAL B 149 -8.80 11.84 2.76
C VAL B 149 -8.17 10.61 3.37
N THR B 150 -7.13 10.81 4.20
CA THR B 150 -6.43 9.69 4.83
C THR B 150 -7.36 8.93 5.78
N HIS B 151 -8.11 9.66 6.60
CA HIS B 151 -9.03 9.01 7.52
C HIS B 151 -10.10 8.25 6.77
N ILE B 152 -10.62 8.83 5.68
CA ILE B 152 -11.62 8.14 4.88
C ILE B 152 -11.02 6.89 4.27
N GLY B 153 -9.77 6.97 3.82
CA GLY B 153 -9.11 5.79 3.28
C GLY B 153 -8.93 4.69 4.30
N ARG B 154 -8.44 5.04 5.49
CA ARG B 154 -8.20 4.05 6.53
C ARG B 154 -9.48 3.35 6.95
N VAL B 155 -10.56 4.11 7.12
CA VAL B 155 -11.83 3.54 7.59
C VAL B 155 -12.42 2.63 6.51
N TYR B 156 -12.51 3.12 5.29
CA TYR B 156 -13.08 2.36 4.18
C TYR B 156 -12.39 1.00 4.04
N LYS B 157 -11.06 1.01 4.07
CA LYS B 157 -10.29 -0.23 3.89
C LYS B 157 -10.63 -1.25 4.96
N GLU B 158 -10.75 -0.79 6.21
CA GLU B 158 -11.06 -1.71 7.30
C GLU B 158 -12.49 -2.20 7.23
N ARG B 159 -13.43 -1.34 6.85
CA ARG B 159 -14.82 -1.77 6.74
C ARG B 159 -15.02 -2.78 5.61
N LEU B 160 -14.27 -2.64 4.51
CA LEU B 160 -14.31 -3.65 3.47
C LEU B 160 -13.69 -4.97 3.90
N GLY B 161 -12.96 -4.99 5.01
CA GLY B 161 -12.28 -6.21 5.42
C GLY B 161 -11.03 -6.48 4.60
N LEU B 162 -10.39 -5.44 4.07
CA LEU B 162 -9.26 -5.62 3.15
C LEU B 162 -8.01 -6.07 3.90
N PRO B 163 -7.25 -7.00 3.33
CA PRO B 163 -6.12 -7.56 4.02
C PRO B 163 -5.04 -6.54 4.27
N PRO B 164 -4.38 -6.57 5.46
CA PRO B 164 -3.18 -5.76 5.68
C PRO B 164 -2.13 -5.94 4.59
N LYS B 165 -2.27 -7.01 3.81
CA LYS B 165 -1.30 -7.30 2.75
C LYS B 165 -1.37 -6.28 1.63
N ILE B 166 -2.58 -5.92 1.21
CA ILE B 166 -2.78 -5.07 0.04
C ILE B 166 -3.00 -3.63 0.50
N VAL B 167 -2.85 -2.71 -0.44
CA VAL B 167 -3.10 -1.29 -0.20
C VAL B 167 -4.06 -0.78 -1.26
N ILE B 168 -4.71 0.33 -0.97
CA ILE B 168 -5.58 1.00 -1.93
C ILE B 168 -5.06 2.42 -2.13
N GLY B 169 -5.36 2.99 -3.29
CA GLY B 169 -4.83 4.28 -3.65
C GLY B 169 -5.92 5.34 -3.78
N TYR B 170 -5.54 6.59 -3.60
CA TYR B 170 -6.41 7.75 -3.81
C TYR B 170 -5.83 8.55 -4.97
N GLN B 171 -6.66 8.81 -5.98
CA GLN B 171 -6.24 9.51 -7.18
C GLN B 171 -7.14 10.71 -7.40
N SER B 172 -6.54 11.87 -7.70
CA SER B 172 -7.31 13.08 -7.92
C SER B 172 -8.04 13.03 -9.26
N HIS B 173 -9.25 13.60 -9.29
CA HIS B 173 -10.04 13.66 -10.52
C HIS B 173 -9.32 14.47 -11.60
N ALA B 174 -8.51 15.46 -11.21
CA ALA B 174 -7.79 16.25 -12.19
C ALA B 174 -6.89 15.36 -13.05
N ASP B 175 -6.18 14.42 -12.41
CA ASP B 175 -5.27 13.55 -13.14
C ASP B 175 -6.03 12.49 -13.92
N THR B 176 -7.08 11.91 -13.33
CA THR B 176 -7.88 10.91 -14.03
C THR B 176 -8.42 11.46 -15.35
N ALA B 177 -8.80 12.73 -15.36
CA ALA B 177 -9.40 13.37 -16.53
C ALA B 177 -8.39 13.62 -17.65
N THR B 178 -7.12 13.33 -17.42
CA THR B 178 -6.09 13.64 -18.39
C THR B 178 -5.18 12.43 -18.62
N LYS B 185 -1.11 7.50 -10.99
CA LYS B 185 -0.37 7.93 -9.81
C LYS B 185 -1.32 8.14 -8.62
N ASN B 186 -0.91 7.68 -7.44
CA ASN B 186 -1.70 7.84 -6.22
C ASN B 186 -1.21 9.05 -5.44
N ARG B 187 -2.16 9.92 -5.05
CA ARG B 187 -1.84 10.99 -4.12
C ARG B 187 -1.68 10.45 -2.70
N PHE B 188 -2.43 9.41 -2.35
CA PHE B 188 -2.38 8.80 -1.04
C PHE B 188 -2.44 7.29 -1.20
N VAL B 189 -1.97 6.58 -0.17
CA VAL B 189 -2.06 5.12 -0.13
C VAL B 189 -2.30 4.70 1.32
N VAL B 190 -3.17 3.72 1.51
CA VAL B 190 -3.39 3.16 2.84
C VAL B 190 -3.53 1.65 2.72
N PRO C 4 38.78 -3.91 12.26
CA PRO C 4 38.90 -2.51 11.87
C PRO C 4 39.10 -2.30 10.38
N GLU C 5 39.81 -3.24 9.74
CA GLU C 5 40.23 -3.08 8.35
C GLU C 5 39.05 -2.83 7.41
N HIS C 6 37.88 -3.40 7.71
CA HIS C 6 36.79 -3.44 6.75
C HIS C 6 35.74 -2.34 6.95
N TYR C 7 35.96 -1.41 7.90
CA TYR C 7 34.89 -0.45 8.17
C TYR C 7 35.34 0.90 8.73
N ILE C 8 36.61 1.07 9.11
CA ILE C 8 37.09 2.37 9.58
C ILE C 8 37.73 3.11 8.41
N LYS C 9 37.48 4.42 8.32
CA LYS C 9 38.14 5.22 7.30
C LYS C 9 39.61 5.41 7.66
N HIS C 10 40.46 5.44 6.66
CA HIS C 10 41.88 5.53 6.92
CA HIS C 10 41.89 5.54 6.91
C HIS C 10 42.24 6.94 7.36
N PRO C 11 42.64 7.15 8.61
CA PRO C 11 42.87 8.52 9.09
C PRO C 11 44.06 9.17 8.41
N LEU C 12 43.95 10.49 8.24
CA LEU C 12 45.09 11.29 7.82
C LEU C 12 45.86 11.75 9.06
N GLN C 13 47.13 12.12 8.86
CA GLN C 13 47.91 12.62 9.98
C GLN C 13 47.40 13.97 10.44
N ASN C 14 47.01 14.81 9.50
CA ASN C 14 46.47 16.14 9.76
C ASN C 14 45.06 16.26 9.21
N ARG C 15 44.27 17.12 9.82
CA ARG C 15 43.02 17.57 9.23
C ARG C 15 43.28 18.75 8.30
N TRP C 16 42.58 18.78 7.17
CA TRP C 16 42.83 19.77 6.12
C TRP C 16 41.56 20.51 5.75
N ALA C 17 41.73 21.75 5.30
CA ALA C 17 40.61 22.59 4.86
C ALA C 17 40.88 23.04 3.44
N LEU C 18 39.90 22.83 2.56
CA LEU C 18 40.01 23.28 1.18
C LEU C 18 39.27 24.60 1.05
N TRP C 19 39.93 25.57 0.41
CA TRP C 19 39.43 26.92 0.25
C TRP C 19 39.23 27.21 -1.23
N PHE C 20 38.27 28.08 -1.53
CA PHE C 20 38.04 28.59 -2.87
C PHE C 20 38.07 30.12 -2.86
N PHE C 21 38.48 30.68 -4.00
CA PHE C 21 38.58 32.12 -4.14
C PHE C 21 38.04 32.51 -5.50
N LYS C 22 37.13 33.49 -5.50
CA LYS C 22 36.51 33.97 -6.73
C LYS C 22 36.94 35.41 -6.97
N ASN C 23 37.27 35.72 -8.23
CA ASN C 23 37.54 37.10 -8.59
C ASN C 23 36.28 37.94 -8.41
N ASP C 24 36.43 39.08 -7.75
CA ASP C 24 35.36 40.07 -7.66
C ASP C 24 35.96 41.38 -7.16
N LYS C 25 35.98 42.39 -8.02
CA LYS C 25 36.61 43.66 -7.66
C LYS C 25 35.83 44.37 -6.56
N SER C 26 34.50 44.25 -6.56
CA SER C 26 33.70 44.94 -5.56
C SER C 26 34.06 44.52 -4.14
N LYS C 27 34.53 43.29 -3.96
CA LYS C 27 34.88 42.76 -2.66
C LYS C 27 36.40 42.64 -2.54
N THR C 28 36.90 42.83 -1.33
CA THR C 28 38.32 42.69 -1.05
C THR C 28 38.72 41.23 -1.24
N TRP C 29 40.04 40.99 -1.27
CA TRP C 29 40.54 39.62 -1.31
C TRP C 29 39.95 38.80 -0.17
N GLN C 30 39.90 39.37 1.03
CA GLN C 30 39.36 38.65 2.19
C GLN C 30 37.89 38.29 1.98
N ALA C 31 37.10 39.22 1.44
CA ALA C 31 35.66 39.00 1.29
C ALA C 31 35.32 37.99 0.21
N ASN C 32 36.28 37.61 -0.64
CA ASN C 32 36.03 36.63 -1.68
C ASN C 32 36.49 35.23 -1.32
N LEU C 33 37.19 35.07 -0.20
CA LEU C 33 37.78 33.79 0.21
C LEU C 33 36.87 33.13 1.24
N ARG C 34 36.16 32.07 0.83
CA ARG C 34 35.30 31.33 1.72
C ARG C 34 35.79 29.90 1.83
N LEU C 35 35.48 29.26 2.96
CA LEU C 35 35.85 27.87 3.16
C LEU C 35 34.87 26.95 2.45
N ILE C 36 35.40 25.87 1.88
CA ILE C 36 34.52 24.85 1.32
C ILE C 36 34.21 23.80 2.38
N SER C 37 35.24 23.10 2.84
CA SER C 37 35.04 21.95 3.73
C SER C 37 36.38 21.45 4.23
N LYS C 38 36.31 20.65 5.29
CA LYS C 38 37.47 20.01 5.90
C LYS C 38 37.33 18.49 5.81
N PHE C 39 38.44 17.79 6.01
CA PHE C 39 38.48 16.34 5.95
C PHE C 39 39.75 15.89 6.67
N ASP C 40 39.73 14.64 7.17
CA ASP C 40 40.94 14.10 7.79
C ASP C 40 41.10 12.60 7.57
N THR C 41 40.43 12.03 6.57
CA THR C 41 40.57 10.64 6.20
C THR C 41 40.79 10.60 4.70
N VAL C 42 41.31 9.47 4.21
CA VAL C 42 41.53 9.32 2.77
C VAL C 42 40.21 9.32 2.02
N GLU C 43 39.26 8.48 2.46
CA GLU C 43 37.95 8.41 1.82
C GLU C 43 37.27 9.78 1.74
N ASP C 44 37.40 10.60 2.80
CA ASP C 44 36.78 11.92 2.78
C ASP C 44 37.52 12.89 1.86
N PHE C 45 38.83 12.71 1.71
CA PHE C 45 39.54 13.50 0.70
C PHE C 45 38.96 13.22 -0.69
N TRP C 46 38.93 11.96 -1.09
CA TRP C 46 38.45 11.61 -2.42
C TRP C 46 36.98 12.01 -2.60
N ALA C 47 36.16 11.84 -1.56
CA ALA C 47 34.78 12.30 -1.66
C ALA C 47 34.73 13.78 -2.04
N LEU C 48 35.61 14.59 -1.46
CA LEU C 48 35.60 16.00 -1.81
C LEU C 48 36.18 16.21 -3.21
N TYR C 49 37.37 15.67 -3.48
CA TYR C 49 38.04 15.89 -4.76
C TYR C 49 37.17 15.47 -5.94
N ASN C 50 36.40 14.38 -5.77
CA ASN C 50 35.65 13.83 -6.90
C ASN C 50 34.39 14.63 -7.23
N HIS C 51 33.94 15.53 -6.35
CA HIS C 51 32.70 16.25 -6.62
C HIS C 51 32.90 17.72 -6.95
N ILE C 52 34.12 18.24 -6.95
CA ILE C 52 34.34 19.64 -7.30
C ILE C 52 35.07 19.72 -8.63
N GLN C 53 35.08 20.92 -9.21
CA GLN C 53 35.66 21.11 -10.54
C GLN C 53 37.18 20.95 -10.50
N LEU C 54 37.72 20.33 -11.55
CA LEU C 54 39.14 20.40 -11.83
C LEU C 54 39.58 21.85 -12.00
N SER C 55 40.85 22.12 -11.71
CA SER C 55 41.36 23.48 -11.79
C SER C 55 41.28 24.05 -13.20
N SER C 56 41.45 23.18 -14.21
CA SER C 56 41.43 23.64 -15.60
C SER C 56 40.06 24.11 -16.05
N ASN C 57 39.00 23.82 -15.29
CA ASN C 57 37.65 24.24 -15.61
CA ASN C 57 37.65 24.25 -15.62
C ASN C 57 37.14 25.37 -14.73
N LEU C 58 37.97 25.89 -13.82
CA LEU C 58 37.55 26.97 -12.95
C LEU C 58 37.52 28.29 -13.71
N MET C 59 36.62 29.18 -13.27
CA MET C 59 36.38 30.43 -13.97
C MET C 59 37.67 31.26 -14.02
N PRO C 60 37.83 32.08 -15.06
CA PRO C 60 38.98 32.98 -15.14
C PRO C 60 39.17 33.80 -13.87
N GLY C 61 40.27 33.58 -13.15
CA GLY C 61 40.61 34.39 -12.00
C GLY C 61 40.21 33.79 -10.65
N CYS C 62 40.40 32.48 -10.49
CA CYS C 62 40.01 31.78 -9.27
C CYS C 62 41.16 30.95 -8.73
N ASP C 63 41.03 30.55 -7.47
CA ASP C 63 42.04 29.73 -6.82
C ASP C 63 41.38 28.71 -5.90
N TYR C 64 42.01 27.55 -5.83
CA TYR C 64 41.85 26.58 -4.76
C TYR C 64 42.98 26.77 -3.76
N SER C 65 42.76 26.32 -2.52
CA SER C 65 43.85 26.29 -1.55
C SER C 65 43.57 25.21 -0.51
N LEU C 66 44.55 24.32 -0.27
CA LEU C 66 44.42 23.28 0.75
C LEU C 66 45.48 23.51 1.82
N PHE C 67 45.06 23.94 3.00
CA PHE C 67 45.94 24.18 4.13
C PHE C 67 45.49 23.38 5.35
N LYS C 68 46.46 23.05 6.19
CA LYS C 68 46.17 22.37 7.46
C LYS C 68 45.12 23.14 8.26
N ASP C 69 44.31 22.38 9.01
CA ASP C 69 43.29 22.97 9.88
C ASP C 69 43.92 24.01 10.80
N GLY C 70 43.36 25.22 10.77
CA GLY C 70 43.79 26.30 11.64
C GLY C 70 44.60 27.37 10.95
N ILE C 71 45.15 27.10 9.76
CA ILE C 71 45.96 28.05 9.00
C ILE C 71 45.08 28.64 7.91
N GLU C 72 44.98 29.92 7.89
CA GLU C 72 44.25 30.42 6.75
C GLU C 72 45.18 30.67 5.58
N PRO C 73 44.64 30.57 4.25
CA PRO C 73 45.47 30.73 3.05
C PRO C 73 45.68 32.20 2.69
N MET C 74 46.20 32.97 3.66
CA MET C 74 46.57 34.36 3.44
C MET C 74 47.88 34.63 4.16
N TRP C 75 48.66 35.57 3.62
CA TRP C 75 49.99 35.83 4.15
C TRP C 75 49.93 36.33 5.59
N GLU C 76 48.89 37.07 5.96
CA GLU C 76 48.86 37.68 7.28
C GLU C 76 48.47 36.69 8.38
N ASP C 77 48.09 35.46 8.03
CA ASP C 77 47.85 34.44 9.04
C ASP C 77 49.07 34.24 9.92
N GLU C 78 48.82 33.86 11.18
CA GLU C 78 49.89 33.72 12.15
C GLU C 78 51.04 32.86 11.63
N LYS C 79 50.72 31.71 11.03
CA LYS C 79 51.75 30.82 10.51
C LYS C 79 52.17 31.15 9.09
N ASN C 80 51.56 32.13 8.45
CA ASN C 80 52.00 32.56 7.12
C ASN C 80 52.71 33.90 7.16
N LYS C 81 52.91 34.48 8.35
CA LYS C 81 53.60 35.76 8.44
C LYS C 81 55.01 35.67 7.87
N ARG C 82 55.78 34.70 8.33
CA ARG C 82 57.22 34.69 8.09
C ARG C 82 57.67 33.49 7.26
N GLY C 83 56.80 33.01 6.36
CA GLY C 83 57.11 31.90 5.50
C GLY C 83 57.42 32.31 4.08
N GLY C 84 57.31 31.35 3.17
CA GLY C 84 57.42 31.58 1.75
C GLY C 84 56.56 30.60 0.97
N ARG C 85 56.82 30.46 -0.32
CA ARG C 85 56.13 29.48 -1.14
C ARG C 85 57.10 28.97 -2.18
N TRP C 86 57.02 27.66 -2.48
CA TRP C 86 57.74 27.07 -3.60
C TRP C 86 56.83 27.13 -4.82
N LEU C 87 57.21 27.93 -5.81
CA LEU C 87 56.32 28.34 -6.89
C LEU C 87 56.54 27.47 -8.13
N ILE C 88 55.47 26.83 -8.59
CA ILE C 88 55.48 26.15 -9.89
C ILE C 88 54.85 27.08 -10.90
N THR C 89 55.62 27.49 -11.90
CA THR C 89 55.13 28.32 -12.98
C THR C 89 54.93 27.43 -14.21
N LEU C 90 53.79 27.56 -14.85
CA LEU C 90 53.52 26.82 -16.07
C LEU C 90 52.87 27.74 -17.10
N ASN C 91 53.05 27.38 -18.37
CA ASN C 91 52.66 28.22 -19.48
C ASN C 91 51.17 28.04 -19.80
N LYS C 92 50.72 28.79 -20.81
CA LYS C 92 49.32 28.72 -21.25
C LYS C 92 48.95 27.38 -21.86
N GLN C 93 49.91 26.64 -22.40
CA GLN C 93 49.61 25.30 -22.89
C GLN C 93 49.63 24.26 -21.77
N GLN C 94 50.44 24.48 -20.74
CA GLN C 94 50.57 23.49 -19.68
C GLN C 94 49.30 23.36 -18.84
N ARG C 95 48.34 24.26 -18.98
CA ARG C 95 47.05 24.06 -18.32
C ARG C 95 46.37 22.78 -18.78
N ARG C 96 46.42 22.50 -20.08
CA ARG C 96 45.77 21.29 -20.60
C ARG C 96 46.54 20.04 -20.19
N SER C 97 47.87 20.10 -20.25
CA SER C 97 48.69 18.91 -20.08
C SER C 97 49.11 18.63 -18.65
N ASP C 98 49.16 19.65 -17.79
CA ASP C 98 49.82 19.46 -16.49
C ASP C 98 49.07 20.02 -15.29
N LEU C 99 48.21 21.03 -15.43
CA LEU C 99 47.65 21.71 -14.26
C LEU C 99 47.02 20.72 -13.30
N ASP C 100 46.12 19.86 -13.78
CA ASP C 100 45.42 18.95 -12.88
C ASP C 100 46.30 17.80 -12.40
N ARG C 101 47.20 17.33 -13.26
CA ARG C 101 48.11 16.26 -12.83
C ARG C 101 49.01 16.74 -11.69
N PHE C 102 49.65 17.89 -11.87
CA PHE C 102 50.51 18.44 -10.82
C PHE C 102 49.71 18.72 -9.55
N TRP C 103 48.48 19.23 -9.71
CA TRP C 103 47.71 19.71 -8.57
C TRP C 103 47.24 18.58 -7.69
N LEU C 104 46.76 17.49 -8.27
CA LEU C 104 46.29 16.39 -7.44
C LEU C 104 47.47 15.72 -6.74
N GLU C 105 48.60 15.56 -7.45
CA GLU C 105 49.81 15.06 -6.82
C GLU C 105 50.28 15.97 -5.72
N THR C 106 50.08 17.28 -5.88
CA THR C 106 50.38 18.24 -4.83
C THR C 106 49.49 17.99 -3.61
N LEU C 107 48.18 17.90 -3.84
CA LEU C 107 47.27 17.54 -2.76
C LEU C 107 47.67 16.21 -2.13
N LEU C 108 48.09 15.25 -2.97
CA LEU C 108 48.61 13.98 -2.46
C LEU C 108 49.95 14.12 -1.77
N CYS C 109 50.75 15.13 -2.14
CA CYS C 109 51.96 15.42 -1.38
C CYS C 109 51.63 15.98 0.00
N LEU C 110 50.52 16.70 0.11
CA LEU C 110 50.14 17.29 1.39
C LEU C 110 49.62 16.23 2.35
N ILE C 111 48.58 15.49 1.94
CA ILE C 111 47.87 14.60 2.84
C ILE C 111 48.69 13.35 3.14
N GLY C 112 49.53 12.93 2.21
CA GLY C 112 50.38 11.78 2.44
C GLY C 112 51.59 12.05 3.28
N GLU C 113 51.79 13.30 3.69
CA GLU C 113 52.91 13.70 4.54
C GLU C 113 54.22 13.16 3.98
N SER C 114 54.42 13.39 2.68
CA SER C 114 55.43 12.69 1.88
C SER C 114 56.84 13.20 2.12
N PHE C 115 57.06 14.10 3.07
CA PHE C 115 58.34 14.81 3.17
C PHE C 115 59.13 14.39 4.41
N ASP C 116 59.07 13.10 4.76
CA ASP C 116 59.88 12.53 5.84
C ASP C 116 59.68 13.27 7.15
N ASP C 117 60.78 13.78 7.73
CA ASP C 117 60.74 14.36 9.06
C ASP C 117 60.23 15.80 9.06
N TYR C 118 60.54 16.57 8.01
CA TYR C 118 60.10 17.96 7.91
C TYR C 118 58.66 18.08 7.41
N SER C 119 57.76 17.22 7.90
CA SER C 119 56.38 17.29 7.46
C SER C 119 55.66 18.50 8.05
N ASP C 120 56.01 18.89 9.28
CA ASP C 120 55.27 19.93 9.98
C ASP C 120 55.47 21.31 9.39
N ASP C 121 56.60 21.58 8.73
CA ASP C 121 56.80 22.91 8.15
C ASP C 121 55.85 23.18 6.99
N VAL C 122 55.25 22.13 6.41
CA VAL C 122 54.26 22.31 5.37
C VAL C 122 53.05 23.02 5.96
N CYS C 123 52.66 24.14 5.35
CA CYS C 123 51.43 24.82 5.72
C CYS C 123 50.27 24.40 4.83
N GLY C 124 50.48 24.45 3.52
CA GLY C 124 49.44 24.11 2.57
C GLY C 124 49.91 24.43 1.16
N ALA C 125 48.96 24.40 0.23
CA ALA C 125 49.27 24.64 -1.18
C ALA C 125 48.14 25.41 -1.85
N VAL C 126 48.51 26.21 -2.85
CA VAL C 126 47.57 27.03 -3.60
C VAL C 126 47.77 26.75 -5.08
N VAL C 127 46.68 26.65 -5.83
CA VAL C 127 46.73 26.71 -7.29
C VAL C 127 46.05 27.99 -7.75
N ASN C 128 46.79 28.80 -8.50
CA ASN C 128 46.24 29.99 -9.14
C ASN C 128 45.95 29.65 -10.60
N VAL C 129 44.69 29.84 -11.02
CA VAL C 129 44.31 29.69 -12.41
C VAL C 129 44.20 31.09 -13.00
N ARG C 130 45.08 31.42 -13.93
CA ARG C 130 45.11 32.74 -14.53
C ARG C 130 45.46 32.60 -16.01
N ALA C 131 44.97 33.56 -16.81
CA ALA C 131 45.09 33.46 -18.26
C ALA C 131 46.54 33.57 -18.72
N LYS C 132 47.28 34.53 -18.18
CA LYS C 132 48.68 34.66 -18.57
C LYS C 132 49.49 33.43 -18.19
N GLY C 133 48.97 32.59 -17.30
CA GLY C 133 49.68 31.41 -16.85
C GLY C 133 49.17 30.96 -15.50
N ASP C 134 49.14 29.65 -15.28
CA ASP C 134 48.70 29.12 -14.00
C ASP C 134 49.91 28.88 -13.09
N LYS C 135 49.65 28.90 -11.79
CA LYS C 135 50.69 28.76 -10.78
C LYS C 135 50.21 27.80 -9.71
N ILE C 136 51.04 26.82 -9.37
CA ILE C 136 50.85 25.97 -8.20
C ILE C 136 51.99 26.24 -7.23
N ALA C 137 51.68 26.31 -5.94
CA ALA C 137 52.72 26.65 -4.98
C ALA C 137 52.46 25.91 -3.69
N ILE C 138 53.54 25.43 -3.07
CA ILE C 138 53.51 24.86 -1.73
C ILE C 138 53.93 25.96 -0.76
N TRP C 139 53.22 26.09 0.34
CA TRP C 139 53.52 27.11 1.35
C TRP C 139 54.08 26.44 2.59
N THR C 140 55.19 26.98 3.09
CA THR C 140 55.76 26.63 4.38
C THR C 140 55.84 27.89 5.24
N THR C 141 56.03 27.68 6.55
CA THR C 141 55.70 28.70 7.55
C THR C 141 56.87 29.58 7.96
N GLU C 142 58.12 29.21 7.64
CA GLU C 142 59.26 30.03 8.01
C GLU C 142 60.19 30.12 6.81
N CYS C 143 60.38 31.34 6.29
CA CYS C 143 61.15 31.56 5.06
C CYS C 143 62.64 31.28 5.25
N VAL C 149 63.02 24.30 5.23
CA VAL C 149 62.33 24.77 4.03
C VAL C 149 63.07 24.31 2.77
N THR C 150 63.95 23.32 2.93
CA THR C 150 64.81 22.88 1.84
C THR C 150 64.33 21.56 1.22
N HIS C 151 64.33 20.48 2.01
CA HIS C 151 64.05 19.15 1.46
C HIS C 151 62.67 19.08 0.81
N ILE C 152 61.73 19.90 1.28
CA ILE C 152 60.38 19.89 0.71
C ILE C 152 60.42 20.28 -0.77
N GLY C 153 61.39 21.11 -1.16
CA GLY C 153 61.48 21.52 -2.55
C GLY C 153 61.95 20.40 -3.46
N ARG C 154 62.94 19.64 -3.02
CA ARG C 154 63.41 18.51 -3.81
C ARG C 154 62.32 17.47 -3.97
N VAL C 155 61.75 16.99 -2.84
CA VAL C 155 60.72 15.97 -2.88
C VAL C 155 59.54 16.43 -3.71
N TYR C 156 59.22 17.73 -3.68
CA TYR C 156 58.18 18.26 -4.53
C TYR C 156 58.54 18.13 -6.01
N LYS C 157 59.83 18.17 -6.34
CA LYS C 157 60.25 18.03 -7.74
C LYS C 157 60.29 16.58 -8.18
N GLU C 158 60.68 15.67 -7.28
CA GLU C 158 60.68 14.25 -7.64
C GLU C 158 59.27 13.70 -7.77
N ARG C 159 58.36 14.11 -6.87
CA ARG C 159 57.01 13.56 -6.89
C ARG C 159 56.21 14.06 -8.08
N LEU C 160 56.50 15.27 -8.57
CA LEU C 160 55.84 15.77 -9.77
C LEU C 160 56.38 15.14 -11.05
N GLY C 161 57.51 14.45 -10.99
CA GLY C 161 58.10 13.95 -12.21
C GLY C 161 58.74 15.01 -13.07
N LEU C 162 59.10 16.14 -12.48
CA LEU C 162 59.73 17.20 -13.24
C LEU C 162 61.17 16.82 -13.59
N PRO C 163 61.68 17.28 -14.75
CA PRO C 163 63.06 17.03 -15.20
C PRO C 163 64.09 17.82 -14.39
N PRO D 4 -35.31 1.93 -16.73
CA PRO D 4 -35.88 0.77 -16.04
C PRO D 4 -35.54 -0.57 -16.69
N GLU D 5 -35.47 -0.59 -18.01
CA GLU D 5 -35.26 -1.80 -18.80
C GLU D 5 -33.86 -2.40 -18.63
N HIS D 6 -32.99 -1.95 -17.73
CA HIS D 6 -31.66 -2.55 -17.63
C HIS D 6 -31.06 -2.52 -16.23
N TYR D 7 -31.79 -2.06 -15.20
CA TYR D 7 -31.29 -2.13 -13.83
C TYR D 7 -32.34 -2.55 -12.81
N ILE D 8 -33.62 -2.70 -13.20
CA ILE D 8 -34.65 -3.17 -12.26
C ILE D 8 -34.80 -4.68 -12.42
N LYS D 9 -34.85 -5.37 -11.30
CA LYS D 9 -35.19 -6.79 -11.34
C LYS D 9 -36.61 -6.95 -11.87
N HIS D 10 -36.89 -8.09 -12.46
CA HIS D 10 -38.22 -8.33 -13.02
CA HIS D 10 -38.22 -8.31 -13.00
C HIS D 10 -39.10 -8.97 -11.94
N PRO D 11 -40.15 -8.30 -11.49
CA PRO D 11 -40.96 -8.86 -10.40
C PRO D 11 -41.78 -10.06 -10.87
N LEU D 12 -42.06 -10.92 -9.90
CA LEU D 12 -43.04 -11.98 -10.04
C LEU D 12 -44.38 -11.48 -9.51
N GLN D 13 -45.47 -12.13 -9.90
CA GLN D 13 -46.77 -11.69 -9.40
C GLN D 13 -46.94 -12.04 -7.93
N ASN D 14 -46.25 -13.06 -7.43
CA ASN D 14 -46.33 -13.44 -6.03
C ASN D 14 -44.94 -13.48 -5.43
N ARG D 15 -44.88 -13.28 -4.12
CA ARG D 15 -43.66 -13.56 -3.36
C ARG D 15 -43.73 -15.01 -2.87
N TRP D 16 -42.65 -15.75 -3.04
CA TRP D 16 -42.66 -17.17 -2.74
C TRP D 16 -41.71 -17.49 -1.61
N ALA D 17 -42.06 -18.53 -0.85
CA ALA D 17 -41.18 -19.07 0.19
C ALA D 17 -40.79 -20.48 -0.21
N LEU D 18 -39.49 -20.74 -0.27
CA LEU D 18 -39.00 -22.10 -0.43
C LEU D 18 -38.72 -22.66 0.95
N TRP D 19 -39.18 -23.90 1.18
CA TRP D 19 -39.10 -24.54 2.48
C TRP D 19 -38.33 -25.85 2.37
N PHE D 20 -37.72 -26.23 3.48
CA PHE D 20 -36.91 -27.45 3.55
C PHE D 20 -37.35 -28.29 4.74
N PHE D 21 -37.28 -29.61 4.57
CA PHE D 21 -37.61 -30.57 5.62
C PHE D 21 -36.45 -31.55 5.69
N LYS D 22 -35.85 -31.68 6.88
CA LYS D 22 -34.71 -32.57 7.08
C LYS D 22 -35.13 -33.75 7.95
N ASN D 23 -34.59 -34.92 7.63
CA ASN D 23 -34.91 -36.11 8.40
C ASN D 23 -34.29 -36.03 9.78
N ASP D 24 -35.14 -36.00 10.82
CA ASP D 24 -34.69 -36.02 12.21
C ASP D 24 -35.80 -36.67 13.03
N LYS D 25 -35.62 -37.96 13.32
CA LYS D 25 -36.62 -38.67 14.12
C LYS D 25 -36.75 -38.08 15.52
N SER D 26 -35.67 -37.52 16.05
CA SER D 26 -35.66 -36.91 17.37
C SER D 26 -36.46 -35.57 17.43
N LYS D 27 -37.22 -35.19 16.40
CA LYS D 27 -38.14 -34.06 16.46
C LYS D 27 -39.49 -34.50 15.88
N THR D 28 -40.46 -33.59 15.93
CA THR D 28 -41.77 -33.86 15.35
C THR D 28 -41.78 -33.38 13.90
N TRP D 29 -42.97 -33.43 13.27
CA TRP D 29 -43.07 -33.10 11.85
C TRP D 29 -42.82 -31.61 11.59
N GLN D 30 -43.51 -30.75 12.34
CA GLN D 30 -43.35 -29.31 12.14
C GLN D 30 -41.99 -28.81 12.62
N ALA D 31 -41.37 -29.51 13.57
CA ALA D 31 -40.04 -29.14 14.03
C ALA D 31 -39.00 -29.35 12.94
N ASN D 32 -39.23 -30.32 12.05
CA ASN D 32 -38.34 -30.58 10.92
C ASN D 32 -38.66 -29.72 9.71
N LEU D 33 -39.61 -28.80 9.83
CA LEU D 33 -39.96 -27.89 8.75
C LEU D 33 -39.32 -26.54 9.06
N ARG D 34 -38.50 -26.05 8.13
CA ARG D 34 -37.81 -24.78 8.33
C ARG D 34 -37.85 -23.98 7.04
N LEU D 35 -38.31 -22.75 7.12
CA LEU D 35 -38.24 -21.84 5.99
C LEU D 35 -36.78 -21.61 5.60
N ILE D 36 -36.51 -21.60 4.29
CA ILE D 36 -35.19 -21.24 3.78
C ILE D 36 -35.17 -19.73 3.57
N SER D 37 -35.66 -19.28 2.42
CA SER D 37 -35.72 -17.85 2.13
C SER D 37 -36.92 -17.56 1.23
N LYS D 38 -37.25 -16.28 1.12
CA LYS D 38 -38.29 -15.80 0.22
C LYS D 38 -37.69 -14.95 -0.90
N PHE D 39 -38.44 -14.82 -1.99
CA PHE D 39 -38.01 -14.07 -3.18
C PHE D 39 -39.25 -13.62 -3.96
N ASP D 40 -39.11 -12.52 -4.71
CA ASP D 40 -40.21 -12.04 -5.54
C ASP D 40 -39.77 -11.44 -6.88
N THR D 41 -38.59 -11.78 -7.37
CA THR D 41 -38.18 -11.43 -8.72
C THR D 41 -37.63 -12.67 -9.40
N VAL D 42 -37.48 -12.62 -10.72
CA VAL D 42 -36.85 -13.74 -11.42
C VAL D 42 -35.40 -13.89 -10.98
N GLU D 43 -34.70 -12.76 -10.85
CA GLU D 43 -33.30 -12.79 -10.48
C GLU D 43 -33.08 -13.40 -9.11
N ASP D 44 -33.93 -13.07 -8.13
CA ASP D 44 -33.71 -13.69 -6.83
C ASP D 44 -34.12 -15.17 -6.83
N PHE D 45 -35.12 -15.55 -7.63
CA PHE D 45 -35.40 -16.98 -7.77
C PHE D 45 -34.13 -17.73 -8.17
N TRP D 46 -33.46 -17.28 -9.23
CA TRP D 46 -32.30 -18.02 -9.70
C TRP D 46 -31.17 -17.98 -8.69
N ALA D 47 -30.90 -16.83 -8.08
CA ALA D 47 -29.87 -16.78 -7.05
C ALA D 47 -30.09 -17.85 -5.98
N LEU D 48 -31.35 -18.14 -5.68
CA LEU D 48 -31.65 -19.17 -4.68
C LEU D 48 -31.47 -20.55 -5.28
N TYR D 49 -32.14 -20.80 -6.41
CA TYR D 49 -32.07 -22.11 -7.05
C TYR D 49 -30.65 -22.50 -7.40
N ASN D 50 -29.83 -21.55 -7.85
CA ASN D 50 -28.50 -21.96 -8.31
C ASN D 50 -27.58 -22.33 -7.15
N HIS D 51 -27.89 -21.95 -5.91
CA HIS D 51 -26.95 -22.18 -4.81
C HIS D 51 -27.35 -23.35 -3.91
N ILE D 52 -28.48 -23.99 -4.16
CA ILE D 52 -28.93 -25.09 -3.31
C ILE D 52 -28.87 -26.40 -4.07
N GLN D 53 -28.91 -27.49 -3.31
CA GLN D 53 -28.74 -28.82 -3.87
C GLN D 53 -29.91 -29.20 -4.77
N LEU D 54 -29.60 -29.78 -5.93
CA LEU D 54 -30.62 -30.43 -6.74
C LEU D 54 -31.36 -31.46 -5.90
N SER D 55 -32.63 -31.68 -6.22
CA SER D 55 -33.44 -32.58 -5.39
C SER D 55 -32.94 -34.01 -5.50
N SER D 56 -32.52 -34.42 -6.71
CA SER D 56 -31.95 -35.74 -6.91
CA SER D 56 -31.97 -35.76 -6.88
C SER D 56 -30.77 -36.03 -5.99
N ASN D 57 -30.21 -35.00 -5.34
CA ASN D 57 -29.04 -35.13 -4.50
C ASN D 57 -29.31 -34.95 -3.01
N LEU D 58 -30.55 -34.69 -2.62
CA LEU D 58 -30.85 -34.57 -1.20
C LEU D 58 -30.94 -35.95 -0.56
N MET D 59 -30.64 -36.00 0.75
CA MET D 59 -30.67 -37.26 1.47
C MET D 59 -32.10 -37.76 1.62
N CYS D 62 -36.17 -36.38 2.40
CA CYS D 62 -36.20 -34.92 2.48
C CYS D 62 -37.21 -34.32 1.52
N ASP D 63 -37.60 -33.07 1.80
CA ASP D 63 -38.60 -32.35 1.01
C ASP D 63 -38.07 -30.98 0.62
N TYR D 64 -38.45 -30.52 -0.56
CA TYR D 64 -38.42 -29.12 -0.95
C TYR D 64 -39.86 -28.65 -1.13
N SER D 65 -40.19 -27.49 -0.58
CA SER D 65 -41.52 -26.93 -0.77
C SER D 65 -41.40 -25.48 -1.19
N LEU D 66 -42.05 -25.14 -2.30
CA LEU D 66 -42.27 -23.76 -2.69
C LEU D 66 -43.74 -23.44 -2.46
N PHE D 67 -44.00 -22.40 -1.66
CA PHE D 67 -45.36 -21.98 -1.38
C PHE D 67 -45.48 -20.48 -1.56
N LYS D 68 -46.70 -20.02 -1.85
CA LYS D 68 -47.00 -18.59 -1.81
C LYS D 68 -46.78 -18.06 -0.40
N ASP D 69 -46.04 -16.97 -0.29
CA ASP D 69 -45.72 -16.39 1.02
C ASP D 69 -47.00 -16.24 1.83
N GLY D 70 -47.00 -16.82 3.03
CA GLY D 70 -48.15 -16.83 3.90
C GLY D 70 -48.90 -18.14 3.95
N ILE D 71 -48.67 -19.05 3.00
CA ILE D 71 -49.30 -20.37 2.99
C ILE D 71 -48.25 -21.39 3.38
N GLU D 72 -48.46 -22.02 4.51
CA GLU D 72 -47.29 -22.75 4.95
C GLU D 72 -47.39 -24.23 4.58
N PRO D 73 -46.26 -24.90 4.41
CA PRO D 73 -46.30 -26.29 3.92
C PRO D 73 -46.93 -27.25 4.90
N MET D 74 -48.27 -27.22 5.00
CA MET D 74 -49.03 -28.09 5.89
C MET D 74 -50.31 -28.51 5.19
N TRP D 75 -51.00 -29.48 5.79
CA TRP D 75 -52.41 -29.69 5.46
C TRP D 75 -53.28 -28.66 6.15
N GLU D 76 -52.91 -28.28 7.37
CA GLU D 76 -53.77 -27.55 8.28
C GLU D 76 -53.73 -26.04 8.10
N ASP D 77 -52.97 -25.52 7.15
CA ASP D 77 -53.03 -24.09 6.85
C ASP D 77 -54.35 -23.75 6.19
N GLU D 78 -54.85 -22.55 6.49
CA GLU D 78 -56.18 -22.13 6.07
C GLU D 78 -56.44 -22.40 4.59
N LYS D 79 -55.44 -22.21 3.73
CA LYS D 79 -55.59 -22.43 2.30
C LYS D 79 -55.20 -23.83 1.87
N ASN D 80 -54.78 -24.69 2.79
CA ASN D 80 -54.54 -26.08 2.46
C ASN D 80 -55.62 -26.96 3.07
N GLY D 84 -56.48 -29.65 -2.72
CA GLY D 84 -56.04 -30.90 -3.31
C GLY D 84 -54.73 -30.74 -4.07
N ARG D 85 -54.03 -31.85 -4.30
CA ARG D 85 -52.76 -31.83 -5.02
C ARG D 85 -52.88 -32.70 -6.26
N TRP D 86 -52.48 -32.14 -7.40
CA TRP D 86 -52.31 -32.94 -8.62
C TRP D 86 -50.93 -33.56 -8.55
N LEU D 87 -50.87 -34.88 -8.41
CA LEU D 87 -49.66 -35.56 -7.95
C LEU D 87 -48.98 -36.32 -9.07
N ILE D 88 -47.65 -36.34 -9.03
CA ILE D 88 -46.81 -37.12 -9.92
C ILE D 88 -45.98 -38.06 -9.07
N THR D 89 -45.99 -39.33 -9.44
CA THR D 89 -45.18 -40.35 -8.78
C THR D 89 -44.04 -40.75 -9.70
N LEU D 90 -42.87 -40.96 -9.10
CA LEU D 90 -41.67 -41.34 -9.81
C LEU D 90 -41.17 -42.68 -9.30
N ASN D 91 -40.24 -43.28 -10.05
CA ASN D 91 -39.68 -44.58 -9.67
C ASN D 91 -38.19 -44.47 -9.36
N LYS D 92 -37.49 -45.60 -9.35
CA LYS D 92 -36.06 -45.62 -9.10
C LYS D 92 -35.31 -44.85 -10.19
N GLN D 93 -35.49 -45.26 -11.44
CA GLN D 93 -34.76 -44.64 -12.54
C GLN D 93 -35.26 -43.24 -12.89
N GLN D 94 -36.44 -42.83 -12.40
CA GLN D 94 -36.92 -41.48 -12.71
C GLN D 94 -36.20 -40.41 -11.91
N ARG D 95 -35.64 -40.74 -10.74
CA ARG D 95 -34.85 -39.75 -10.01
C ARG D 95 -33.74 -39.20 -10.90
N ARG D 96 -32.97 -40.08 -11.53
CA ARG D 96 -31.90 -39.63 -12.41
C ARG D 96 -32.45 -38.93 -13.64
N SER D 97 -33.48 -39.51 -14.26
CA SER D 97 -33.94 -39.01 -15.55
C SER D 97 -34.79 -37.75 -15.42
N ASP D 98 -35.75 -37.75 -14.51
CA ASP D 98 -36.81 -36.76 -14.54
C ASP D 98 -36.89 -35.87 -13.31
N LEU D 99 -36.46 -36.31 -12.14
CA LEU D 99 -36.80 -35.62 -10.90
C LEU D 99 -36.41 -34.15 -10.98
N ASP D 100 -35.17 -33.88 -11.38
CA ASP D 100 -34.69 -32.50 -11.39
C ASP D 100 -35.39 -31.67 -12.45
N ARG D 101 -35.59 -32.23 -13.64
CA ARG D 101 -36.20 -31.45 -14.71
C ARG D 101 -37.67 -31.16 -14.40
N PHE D 102 -38.37 -32.14 -13.85
CA PHE D 102 -39.77 -31.90 -13.52
C PHE D 102 -39.90 -30.89 -12.39
N TRP D 103 -38.99 -30.95 -11.41
CA TRP D 103 -39.06 -30.03 -10.28
C TRP D 103 -38.79 -28.59 -10.72
N LEU D 104 -37.78 -28.38 -11.55
CA LEU D 104 -37.55 -27.04 -12.06
C LEU D 104 -38.74 -26.55 -12.86
N GLU D 105 -39.34 -27.43 -13.65
CA GLU D 105 -40.45 -27.01 -14.50
C GLU D 105 -41.69 -26.72 -13.67
N THR D 106 -41.83 -27.38 -12.53
CA THR D 106 -42.90 -27.07 -11.59
C THR D 106 -42.70 -25.69 -10.98
N LEU D 107 -41.46 -25.40 -10.55
CA LEU D 107 -41.17 -24.09 -9.97
C LEU D 107 -41.34 -22.98 -10.99
N LEU D 108 -41.01 -23.23 -12.26
CA LEU D 108 -41.22 -22.21 -13.28
C LEU D 108 -42.69 -22.05 -13.63
N CYS D 109 -43.47 -23.12 -13.52
CA CYS D 109 -44.91 -23.00 -13.67
C CYS D 109 -45.54 -22.18 -12.54
N LEU D 110 -44.99 -22.27 -11.33
CA LEU D 110 -45.59 -21.53 -10.22
C LEU D 110 -45.23 -20.05 -10.27
N ILE D 111 -43.94 -19.74 -10.30
CA ILE D 111 -43.56 -18.34 -10.28
C ILE D 111 -43.93 -17.66 -11.60
N GLY D 112 -44.17 -18.43 -12.66
CA GLY D 112 -44.54 -17.90 -13.95
C GLY D 112 -46.02 -17.62 -14.16
N GLU D 113 -46.89 -18.06 -13.25
CA GLU D 113 -48.34 -17.96 -13.41
C GLU D 113 -48.77 -18.50 -14.78
N SER D 114 -48.50 -19.78 -15.00
CA SER D 114 -48.73 -20.41 -16.30
C SER D 114 -50.15 -20.93 -16.47
N PHE D 115 -50.90 -21.11 -15.38
CA PHE D 115 -52.24 -21.66 -15.41
C PHE D 115 -53.31 -20.63 -15.75
N ASP D 116 -52.92 -19.53 -16.40
CA ASP D 116 -53.84 -18.54 -16.96
C ASP D 116 -54.70 -17.98 -15.83
N ASP D 117 -56.02 -18.02 -15.95
CA ASP D 117 -56.93 -17.39 -15.00
C ASP D 117 -57.14 -18.21 -13.74
N TYR D 118 -56.55 -19.40 -13.64
CA TYR D 118 -56.73 -20.27 -12.48
C TYR D 118 -55.51 -20.26 -11.54
N SER D 119 -54.58 -19.33 -11.74
CA SER D 119 -53.36 -19.33 -10.92
C SER D 119 -53.66 -19.05 -9.46
N ASP D 120 -54.78 -18.41 -9.15
CA ASP D 120 -55.14 -18.12 -7.77
C ASP D 120 -55.59 -19.37 -7.03
N VAL D 122 -53.62 -21.83 -7.34
CA VAL D 122 -52.35 -22.47 -7.01
C VAL D 122 -51.90 -22.01 -5.63
N CYS D 123 -51.48 -22.96 -4.80
CA CYS D 123 -50.92 -22.67 -3.49
C CYS D 123 -49.40 -22.85 -3.48
N GLY D 124 -48.93 -24.06 -3.74
CA GLY D 124 -47.50 -24.30 -3.73
C GLY D 124 -47.22 -25.73 -4.14
N ALA D 125 -45.93 -26.02 -4.34
CA ALA D 125 -45.51 -27.33 -4.80
C ALA D 125 -44.56 -27.99 -3.81
N VAL D 126 -44.58 -29.33 -3.84
CA VAL D 126 -43.75 -30.15 -2.95
C VAL D 126 -43.04 -31.20 -3.78
N VAL D 127 -41.78 -31.46 -3.46
CA VAL D 127 -41.07 -32.62 -3.97
C VAL D 127 -40.56 -33.44 -2.79
N ASN D 128 -40.97 -34.70 -2.74
CA ASN D 128 -40.57 -35.63 -1.70
C ASN D 128 -39.44 -36.51 -2.22
N VAL D 129 -38.31 -36.51 -1.52
CA VAL D 129 -37.17 -37.34 -1.87
C VAL D 129 -37.21 -38.56 -0.95
N ARG D 130 -37.45 -39.74 -1.52
CA ARG D 130 -37.53 -40.95 -0.70
C ARG D 130 -37.00 -42.14 -1.49
N ALA D 131 -36.59 -43.17 -0.75
CA ALA D 131 -35.93 -44.33 -1.35
C ALA D 131 -36.87 -45.11 -2.25
N LYS D 132 -38.11 -45.34 -1.80
CA LYS D 132 -39.06 -46.17 -2.54
C LYS D 132 -39.57 -45.50 -3.82
N GLY D 133 -39.27 -44.23 -4.03
CA GLY D 133 -39.79 -43.49 -5.16
C GLY D 133 -40.12 -42.09 -4.71
N ASP D 134 -39.94 -41.13 -5.60
CA ASP D 134 -40.12 -39.73 -5.24
C ASP D 134 -41.39 -39.16 -5.84
N LYS D 135 -41.89 -38.11 -5.21
CA LYS D 135 -43.14 -37.47 -5.57
C LYS D 135 -42.93 -35.99 -5.85
N ILE D 136 -43.71 -35.46 -6.78
CA ILE D 136 -43.82 -34.02 -7.02
C ILE D 136 -45.27 -33.70 -7.31
N ALA D 137 -45.81 -32.68 -6.66
CA ALA D 137 -47.19 -32.30 -6.86
C ALA D 137 -47.33 -30.78 -6.83
N ILE D 138 -48.31 -30.29 -7.57
CA ILE D 138 -48.66 -28.87 -7.59
C ILE D 138 -50.03 -28.74 -6.97
N TRP D 139 -50.16 -27.88 -5.96
CA TRP D 139 -51.35 -27.86 -5.11
C TRP D 139 -52.28 -26.75 -5.58
N THR D 140 -53.55 -27.11 -5.76
CA THR D 140 -54.60 -26.16 -6.10
C THR D 140 -55.46 -25.91 -4.87
N THR D 141 -55.94 -24.67 -4.74
CA THR D 141 -56.77 -24.28 -3.60
C THR D 141 -58.21 -24.73 -3.79
N ASN D 145 -63.21 -28.21 -6.00
CA ASN D 145 -63.37 -27.44 -7.23
C ASN D 145 -63.20 -28.34 -8.44
N ARG D 146 -63.85 -27.97 -9.54
CA ARG D 146 -63.78 -28.75 -10.78
C ARG D 146 -63.06 -28.01 -11.89
N ASP D 147 -63.46 -26.77 -12.18
CA ASP D 147 -62.85 -26.00 -13.27
C ASP D 147 -61.37 -25.77 -13.01
N ALA D 148 -61.06 -25.23 -11.82
CA ALA D 148 -59.69 -24.81 -11.54
C ALA D 148 -58.72 -25.98 -11.54
N VAL D 149 -59.11 -27.10 -10.93
CA VAL D 149 -58.21 -28.24 -10.81
C VAL D 149 -57.94 -28.86 -12.17
N THR D 150 -58.99 -29.07 -12.96
CA THR D 150 -58.82 -29.74 -14.26
C THR D 150 -58.02 -28.88 -15.22
N HIS D 151 -58.32 -27.58 -15.27
CA HIS D 151 -57.59 -26.66 -16.15
C HIS D 151 -56.11 -26.63 -15.81
N ILE D 152 -55.75 -26.87 -14.54
CA ILE D 152 -54.36 -26.83 -14.13
C ILE D 152 -53.62 -28.08 -14.62
N GLY D 153 -54.29 -29.22 -14.60
CA GLY D 153 -53.63 -30.47 -14.97
C GLY D 153 -53.25 -30.52 -16.43
N ARG D 154 -54.08 -29.97 -17.31
CA ARG D 154 -53.86 -30.11 -18.75
C ARG D 154 -52.72 -29.20 -19.22
N VAL D 155 -52.59 -28.00 -18.67
CA VAL D 155 -51.43 -27.17 -18.96
C VAL D 155 -50.18 -27.79 -18.34
N TYR D 156 -50.32 -28.33 -17.13
CA TYR D 156 -49.17 -28.91 -16.43
C TYR D 156 -48.60 -30.08 -17.22
N LYS D 157 -49.48 -30.96 -17.71
CA LYS D 157 -49.04 -32.09 -18.51
C LYS D 157 -48.32 -31.64 -19.77
N GLU D 158 -48.84 -30.58 -20.43
CA GLU D 158 -48.30 -30.19 -21.73
C GLU D 158 -46.87 -29.66 -21.60
N ARG D 159 -46.57 -28.91 -20.55
CA ARG D 159 -45.23 -28.36 -20.41
C ARG D 159 -44.30 -29.25 -19.62
N LEU D 160 -44.82 -30.26 -18.91
CA LEU D 160 -43.97 -31.28 -18.32
C LEU D 160 -43.53 -32.33 -19.34
N GLY D 161 -44.20 -32.41 -20.49
CA GLY D 161 -43.83 -33.34 -21.52
C GLY D 161 -44.47 -34.70 -21.43
N LEU D 162 -45.55 -34.84 -20.69
CA LEU D 162 -46.08 -36.18 -20.57
C LEU D 162 -47.20 -36.43 -21.59
N PRO D 163 -47.30 -37.65 -22.15
CA PRO D 163 -48.43 -38.05 -22.98
C PRO D 163 -49.28 -39.14 -22.33
N TYR D 170 -55.50 -35.70 -9.46
CA TYR D 170 -55.54 -34.91 -8.23
C TYR D 170 -56.16 -35.68 -7.08
N GLN D 171 -55.45 -35.72 -5.95
CA GLN D 171 -55.91 -36.38 -4.74
C GLN D 171 -56.20 -35.32 -3.69
N SER D 172 -57.48 -35.00 -3.51
CA SER D 172 -57.90 -34.02 -2.51
C SER D 172 -57.20 -34.28 -1.19
N HIS D 173 -56.68 -33.22 -0.57
CA HIS D 173 -55.89 -33.39 0.64
C HIS D 173 -56.70 -33.98 1.78
N ALA D 174 -58.03 -33.83 1.73
CA ALA D 174 -58.89 -34.40 2.77
C ALA D 174 -58.60 -35.89 2.97
N ASP D 175 -58.51 -36.64 1.87
CA ASP D 175 -58.21 -38.06 1.97
C ASP D 175 -56.83 -38.29 2.59
N THR D 176 -55.82 -37.60 2.07
CA THR D 176 -54.45 -37.80 2.49
C THR D 176 -54.27 -37.52 3.98
N ASN D 186 -58.62 -41.06 -4.82
CA ASN D 186 -58.44 -40.10 -5.90
C ASN D 186 -59.73 -39.35 -6.20
N ARG D 187 -59.58 -38.15 -6.77
CA ARG D 187 -60.71 -37.28 -7.08
C ARG D 187 -60.88 -37.12 -8.59
N PHE D 188 -60.03 -36.34 -9.24
CA PHE D 188 -60.17 -36.05 -10.66
C PHE D 188 -58.91 -36.47 -11.41
N VAL D 189 -59.06 -36.65 -12.72
CA VAL D 189 -57.96 -37.05 -13.58
C VAL D 189 -58.26 -36.73 -15.04
#